data_5D0U
#
_entry.id   5D0U
#
_cell.length_a   152.211
_cell.length_b   152.211
_cell.length_c   92.766
_cell.angle_alpha   90.00
_cell.angle_beta   90.00
_cell.angle_gamma   120.00
#
_symmetry.space_group_name_H-M   'P 65'
#
loop_
_entity.id
_entity.type
_entity.pdbx_description
1 polymer 'Pre-mRNA-splicing factor ATP-dependent RNA helicase PRP43'
2 non-polymer "ADENOSINE-5'-DIPHOSPHATE"
3 non-polymer 'MAGNESIUM ION'
4 non-polymer 'DIMETHYL SULFOXIDE'
5 water water
#
_entity_poly.entity_id   1
_entity_poly.type   'polypeptide(L)'
_entity_poly.pdbx_seq_one_letter_code
;MATTAKQAEAVEDSDINPWTGQRHSERYFKILKARRKLPVNKQRQEFLDLYHNNQILVFVGETGSGKTTQIPQYVLYDEL
PHQTGKLIACTQPRRVAAMSVAQRVADELDVKLGEEVGYSIRFENKTSSKTLLKYMTDGQLLREAMHDRDMSRYSCIILD
EAHERTLATDILMALLKQLSERRKDLKIIVMSATLDAQKFQSYFFNAPLLAVPGRTHPVEIFYTPEAERDYVEAAIRTVL
QIHACEPEGDILLFLTGEEEIEDACRRISLEVDEMIRESDAGPMSVYPLYGTLPPHQQQRIFEKAPQPFRPGGRPGRKCI
VATNIAETSLTIDGIVYVVDPGFSKQKIYNPRTRVESLLVSPISKASAQQRAGRAGRTRPGKCFRLYTEEAFKKELIEQT
YPEILRSNLSNTVLELKKLGVEDLVHFDLMDPPAPETMMRALEELNYLACLDDDGELTPLGNLASEFPLDPALAVMLISS
PEFYCSNEILSITSLLSVPQIWVRPANARKRADEMKAQFAHPDGDHLTLLNAYHAYKGAEARGEDMKKWCHEHFLSYRHL
SSADNVRAQLKKIMETHGIELVSTPFHDKNYYTNIRRALLAGFFMQVAMRESSNSKVYKTVKDEQLVLIHPSTTVTTPYE
WVVYNEFVLTTKQYVRTVTNIRPEWLLEIAPVYYDLSTFQKGEIKNALTRVAEKIRRQQAMKASKAWSHPQFEK
;
_entity_poly.pdbx_strand_id   A
#
loop_
_chem_comp.id
_chem_comp.type
_chem_comp.name
_chem_comp.formula
ADP non-polymer ADENOSINE-5'-DIPHOSPHATE 'C10 H15 N5 O10 P2'
DMS non-polymer 'DIMETHYL SULFOXIDE' 'C2 H6 O S'
MG non-polymer 'MAGNESIUM ION' 'Mg 2'
#
# COMPACT_ATOMS: atom_id res chain seq x y z
N THR A 3 38.38 -1.30 -0.14
CA THR A 3 37.66 -0.07 -0.45
C THR A 3 37.56 0.10 -1.97
N THR A 4 38.59 -0.27 -2.70
CA THR A 4 38.51 -0.32 -4.15
C THR A 4 37.65 -1.52 -4.55
N ALA A 5 37.19 -1.54 -5.79
CA ALA A 5 36.24 -2.56 -6.24
C ALA A 5 36.79 -3.98 -6.15
N LYS A 6 38.01 -4.18 -6.65
CA LYS A 6 38.61 -5.51 -6.65
C LYS A 6 38.89 -6.00 -5.23
N GLN A 7 39.31 -5.11 -4.34
CA GLN A 7 39.50 -5.49 -2.95
C GLN A 7 38.21 -6.04 -2.36
N ALA A 8 37.12 -5.30 -2.61
CA ALA A 8 35.80 -5.72 -2.17
C ALA A 8 35.44 -7.09 -2.74
N GLU A 9 35.75 -7.29 -4.01
CA GLU A 9 35.48 -8.58 -4.65
C GLU A 9 36.28 -9.71 -3.99
N ALA A 10 37.55 -9.43 -3.69
CA ALA A 10 38.42 -10.41 -3.05
C ALA A 10 37.89 -10.77 -1.67
N VAL A 11 37.27 -9.80 -1.01
CA VAL A 11 36.59 -10.07 0.26
C VAL A 11 35.38 -10.97 0.01
N GLU A 12 34.65 -10.68 -1.06
CA GLU A 12 33.48 -11.49 -1.42
C GLU A 12 33.88 -12.90 -1.84
N ASP A 13 35.08 -13.03 -2.40
CA ASP A 13 35.56 -14.31 -2.92
C ASP A 13 36.08 -15.25 -1.83
N SER A 14 36.31 -14.70 -0.64
CA SER A 14 36.88 -15.47 0.46
C SER A 14 36.00 -16.64 0.87
N ASP A 15 36.59 -17.60 1.57
CA ASP A 15 35.86 -18.78 2.00
C ASP A 15 34.89 -18.49 3.14
N ILE A 16 35.33 -17.68 4.10
CA ILE A 16 34.52 -17.41 5.28
C ILE A 16 33.60 -16.21 5.08
N ASN A 17 32.43 -16.28 5.71
CA ASN A 17 31.48 -15.18 5.73
C ASN A 17 31.89 -14.18 6.81
N PRO A 18 32.24 -12.96 6.41
CA PRO A 18 32.72 -11.93 7.34
C PRO A 18 31.64 -11.47 8.31
N TRP A 19 30.38 -11.71 7.95
CA TRP A 19 29.26 -11.18 8.70
C TRP A 19 28.79 -12.15 9.79
N THR A 20 28.98 -13.44 9.57
CA THR A 20 28.48 -14.45 10.49
C THR A 20 29.56 -15.37 11.04
N GLY A 21 30.77 -15.25 10.52
CA GLY A 21 31.87 -16.09 10.96
C GLY A 21 31.68 -17.54 10.59
N GLN A 22 30.80 -17.79 9.63
CA GLN A 22 30.59 -19.15 9.12
C GLN A 22 31.15 -19.24 7.71
N ARG A 23 31.33 -20.46 7.23
CA ARG A 23 31.88 -20.63 5.89
C ARG A 23 30.78 -20.43 4.84
N HIS A 24 31.17 -19.88 3.70
CA HIS A 24 30.23 -19.65 2.61
C HIS A 24 29.73 -20.98 2.03
N SER A 25 28.46 -20.99 1.61
CA SER A 25 27.89 -22.17 0.98
C SER A 25 28.14 -22.14 -0.52
N GLU A 26 27.95 -23.28 -1.19
CA GLU A 26 28.13 -23.36 -2.64
C GLU A 26 27.13 -22.47 -3.36
N ARG A 27 25.92 -22.39 -2.80
CA ARG A 27 24.89 -21.55 -3.36
C ARG A 27 25.35 -20.11 -3.44
N TYR A 28 26.07 -19.66 -2.41
CA TYR A 28 26.59 -18.30 -2.37
C TYR A 28 27.49 -17.99 -3.57
N PHE A 29 28.33 -18.94 -3.93
CA PHE A 29 29.26 -18.73 -5.04
C PHE A 29 28.56 -18.84 -6.39
N LYS A 30 27.59 -19.75 -6.48
CA LYS A 30 26.74 -19.82 -7.66
C LYS A 30 26.08 -18.46 -7.91
N ILE A 31 25.42 -17.96 -6.89
CA ILE A 31 24.70 -16.69 -6.95
C ILE A 31 25.63 -15.51 -7.19
N LEU A 32 26.84 -15.57 -6.63
CA LEU A 32 27.82 -14.50 -6.82
C LEU A 32 28.26 -14.42 -8.29
N LYS A 33 28.68 -15.57 -8.80
CA LYS A 33 29.09 -15.68 -10.20
C LYS A 33 27.97 -15.23 -11.13
N ALA A 34 26.74 -15.57 -10.76
CA ALA A 34 25.57 -15.11 -11.52
C ALA A 34 25.43 -13.59 -11.46
N ARG A 35 25.49 -13.05 -10.24
CA ARG A 35 25.33 -11.63 -9.97
C ARG A 35 26.27 -10.75 -10.77
N ARG A 36 27.53 -11.15 -10.83
CA ARG A 36 28.54 -10.30 -11.46
C ARG A 36 28.34 -10.13 -12.98
N LYS A 37 27.27 -10.70 -13.52
CA LYS A 37 26.91 -10.49 -14.92
C LYS A 37 25.99 -9.28 -15.09
N LEU A 38 25.45 -8.80 -13.97
CA LEU A 38 24.54 -7.66 -13.99
C LEU A 38 25.23 -6.39 -14.48
N PRO A 39 24.48 -5.49 -15.14
CA PRO A 39 24.99 -4.24 -15.70
C PRO A 39 25.71 -3.32 -14.69
N VAL A 40 25.16 -3.19 -13.48
CA VAL A 40 25.74 -2.28 -12.49
C VAL A 40 27.14 -2.72 -12.04
N ASN A 41 27.42 -4.01 -12.19
CA ASN A 41 28.70 -4.57 -11.74
C ASN A 41 29.90 -3.91 -12.42
N LYS A 42 29.84 -3.81 -13.75
CA LYS A 42 30.95 -3.29 -14.52
C LYS A 42 31.21 -1.80 -14.28
N GLN A 43 30.29 -1.14 -13.57
CA GLN A 43 30.46 0.27 -13.23
C GLN A 43 30.68 0.46 -11.74
N ARG A 44 30.84 -0.66 -11.03
CA ARG A 44 31.00 -0.65 -9.57
C ARG A 44 32.05 0.35 -9.10
N GLN A 45 33.25 0.27 -9.67
CA GLN A 45 34.32 1.17 -9.33
C GLN A 45 33.88 2.62 -9.51
N GLU A 46 33.29 2.91 -10.67
CA GLU A 46 32.83 4.26 -10.98
C GLU A 46 31.82 4.73 -9.94
N PHE A 47 31.06 3.79 -9.38
CA PHE A 47 30.13 4.10 -8.31
C PHE A 47 30.92 4.48 -7.06
N LEU A 48 31.82 3.60 -6.65
CA LEU A 48 32.59 3.77 -5.42
C LEU A 48 33.28 5.12 -5.37
N ASP A 49 33.98 5.47 -6.45
CA ASP A 49 34.59 6.78 -6.60
C ASP A 49 33.61 7.88 -6.26
N LEU A 50 32.48 7.89 -6.97
CA LEU A 50 31.45 8.90 -6.78
C LEU A 50 30.94 8.89 -5.35
N TYR A 51 30.90 7.71 -4.74
CA TYR A 51 30.43 7.56 -3.37
C TYR A 51 31.47 8.11 -2.39
N HIS A 52 32.74 7.94 -2.73
CA HIS A 52 33.81 8.29 -1.80
C HIS A 52 34.02 9.80 -1.69
N ASN A 53 33.70 10.53 -2.76
CA ASN A 53 34.01 11.95 -2.85
C ASN A 53 32.80 12.87 -2.68
N ASN A 54 31.62 12.27 -2.54
CA ASN A 54 30.36 13.03 -2.48
C ASN A 54 29.43 12.53 -1.37
N GLN A 55 28.71 13.45 -0.75
CA GLN A 55 27.73 13.10 0.29
C GLN A 55 26.42 12.61 -0.32
N ILE A 56 26.00 13.25 -1.40
CA ILE A 56 24.77 12.89 -2.08
C ILE A 56 25.05 12.47 -3.52
N LEU A 57 24.50 11.33 -3.92
CA LEU A 57 24.74 10.78 -5.24
C LEU A 57 23.45 10.32 -5.91
N VAL A 58 23.29 10.65 -7.19
CA VAL A 58 22.12 10.22 -7.94
C VAL A 58 22.45 9.04 -8.86
N PHE A 59 21.76 7.92 -8.65
CA PHE A 59 22.00 6.72 -9.44
C PHE A 59 20.81 6.45 -10.36
N VAL A 60 21.10 6.27 -11.65
CA VAL A 60 20.05 6.01 -12.63
C VAL A 60 20.36 4.79 -13.49
N GLY A 61 19.47 3.81 -13.44
CA GLY A 61 19.60 2.61 -14.25
C GLY A 61 18.24 2.03 -14.59
N GLU A 62 18.19 1.24 -15.65
CA GLU A 62 16.94 0.59 -16.04
C GLU A 62 16.60 -0.53 -15.06
N THR A 63 15.35 -0.98 -15.12
CA THR A 63 14.90 -2.08 -14.27
C THR A 63 15.57 -3.39 -14.70
N GLY A 64 16.17 -4.10 -13.75
CA GLY A 64 16.87 -5.33 -14.04
C GLY A 64 18.38 -5.16 -14.03
N SER A 65 18.84 -4.00 -13.58
CA SER A 65 20.26 -3.65 -13.62
C SER A 65 21.05 -4.24 -12.46
N GLY A 66 20.40 -4.38 -11.30
CA GLY A 66 21.07 -4.83 -10.10
C GLY A 66 21.07 -3.72 -9.07
N LYS A 67 20.52 -2.58 -9.47
CA LYS A 67 20.59 -1.35 -8.71
C LYS A 67 20.02 -1.43 -7.28
N THR A 68 19.02 -2.27 -7.08
CA THR A 68 18.42 -2.41 -5.74
C THR A 68 19.11 -3.49 -4.92
N THR A 69 19.51 -4.57 -5.57
CA THR A 69 20.12 -5.71 -4.88
C THR A 69 21.64 -5.55 -4.69
N GLN A 70 22.29 -4.81 -5.58
CA GLN A 70 23.74 -4.73 -5.57
C GLN A 70 24.30 -3.49 -4.86
N ILE A 71 23.71 -2.32 -5.11
CA ILE A 71 24.24 -1.06 -4.59
C ILE A 71 24.33 -1.02 -3.05
N PRO A 72 23.25 -1.41 -2.34
CA PRO A 72 23.39 -1.45 -0.87
C PRO A 72 24.51 -2.38 -0.41
N GLN A 73 24.73 -3.46 -1.14
CA GLN A 73 25.82 -4.39 -0.82
C GLN A 73 27.18 -3.77 -1.12
N TYR A 74 27.26 -3.00 -2.20
CA TYR A 74 28.47 -2.26 -2.52
C TYR A 74 28.82 -1.33 -1.38
N VAL A 75 27.83 -0.61 -0.89
CA VAL A 75 28.02 0.30 0.24
C VAL A 75 28.46 -0.46 1.49
N LEU A 76 27.79 -1.57 1.76
CA LEU A 76 28.09 -2.42 2.91
C LEU A 76 29.55 -2.86 2.92
N TYR A 77 29.98 -3.47 1.82
CA TYR A 77 31.36 -3.94 1.69
C TYR A 77 32.36 -2.80 1.65
N ASP A 78 31.91 -1.63 1.21
CA ASP A 78 32.79 -0.46 1.15
C ASP A 78 33.08 0.10 2.54
N GLU A 79 32.06 0.14 3.39
CA GLU A 79 32.25 0.66 4.75
C GLU A 79 32.69 -0.46 5.71
N LEU A 80 32.74 -1.68 5.19
CA LEU A 80 33.20 -2.83 5.99
C LEU A 80 34.54 -2.64 6.73
N PRO A 81 35.60 -2.14 6.04
CA PRO A 81 36.89 -2.04 6.76
C PRO A 81 36.85 -1.15 8.00
N HIS A 82 36.17 -0.02 7.91
CA HIS A 82 35.94 0.81 9.10
C HIS A 82 34.46 0.77 9.46
N GLN A 83 34.08 -0.28 10.18
CA GLN A 83 32.68 -0.51 10.53
C GLN A 83 32.12 0.61 11.40
N THR A 84 31.02 1.20 10.95
CA THR A 84 30.31 2.19 11.75
C THR A 84 29.20 1.50 12.53
N GLY A 85 28.79 2.09 13.65
CA GLY A 85 27.77 1.50 14.50
C GLY A 85 26.38 1.58 13.91
N LYS A 86 26.24 2.34 12.83
CA LYS A 86 24.93 2.62 12.25
C LYS A 86 24.55 1.65 11.14
N LEU A 87 23.37 1.86 10.56
CA LEU A 87 22.81 0.94 9.58
C LEU A 87 22.72 1.53 8.19
N ILE A 88 22.41 0.67 7.22
CA ILE A 88 22.15 1.10 5.85
C ILE A 88 20.67 0.91 5.54
N ALA A 89 20.02 1.99 5.10
CA ALA A 89 18.59 1.94 4.80
C ALA A 89 18.35 2.03 3.29
N CYS A 90 17.55 1.10 2.78
CA CYS A 90 17.10 1.20 1.40
C CYS A 90 15.57 1.24 1.37
N THR A 91 15.03 2.32 0.83
CA THR A 91 13.60 2.53 0.84
C THR A 91 12.93 2.14 -0.46
N GLN A 92 11.93 1.27 -0.36
CA GLN A 92 11.10 0.88 -1.47
C GLN A 92 9.69 1.41 -1.24
N PRO A 93 9.11 2.09 -2.23
CA PRO A 93 7.74 2.61 -2.12
C PRO A 93 6.70 1.50 -2.06
N ARG A 94 7.11 0.27 -2.39
CA ARG A 94 6.22 -0.87 -2.37
C ARG A 94 6.68 -1.97 -1.42
N ARG A 95 5.76 -2.42 -0.57
CA ARG A 95 6.01 -3.43 0.43
C ARG A 95 6.65 -4.71 -0.12
N VAL A 96 6.00 -5.30 -1.13
CA VAL A 96 6.44 -6.55 -1.72
C VAL A 96 7.88 -6.46 -2.23
N ALA A 97 8.20 -5.33 -2.84
CA ALA A 97 9.57 -5.08 -3.30
C ALA A 97 10.55 -5.17 -2.14
N ALA A 98 10.24 -4.47 -1.05
CA ALA A 98 11.08 -4.48 0.13
C ALA A 98 11.30 -5.88 0.67
N MET A 99 10.22 -6.61 0.90
CA MET A 99 10.31 -7.96 1.49
C MET A 99 11.06 -8.93 0.59
N SER A 100 10.63 -9.01 -0.66
CA SER A 100 11.23 -9.91 -1.64
C SER A 100 12.72 -9.64 -1.83
N VAL A 101 13.06 -8.39 -2.11
CA VAL A 101 14.45 -8.01 -2.32
C VAL A 101 15.26 -8.26 -1.04
N ALA A 102 14.66 -8.02 0.11
CA ALA A 102 15.31 -8.34 1.38
C ALA A 102 15.71 -9.81 1.43
N GLN A 103 14.78 -10.67 1.04
CA GLN A 103 15.06 -12.11 0.99
C GLN A 103 16.19 -12.42 0.01
N ARG A 104 16.15 -11.78 -1.16
CA ARG A 104 17.15 -12.00 -2.19
C ARG A 104 18.56 -11.63 -1.71
N VAL A 105 18.70 -10.42 -1.20
CA VAL A 105 19.99 -9.93 -0.72
C VAL A 105 20.45 -10.75 0.48
N ALA A 106 19.49 -11.26 1.26
CA ALA A 106 19.82 -12.20 2.32
C ALA A 106 20.51 -13.43 1.72
N ASP A 107 19.92 -13.97 0.65
CA ASP A 107 20.49 -15.15 -0.02
C ASP A 107 21.85 -14.86 -0.67
N GLU A 108 22.03 -13.63 -1.15
CA GLU A 108 23.27 -13.24 -1.82
C GLU A 108 24.41 -13.03 -0.82
N LEU A 109 24.07 -12.59 0.39
CA LEU A 109 25.06 -12.38 1.43
C LEU A 109 25.27 -13.64 2.25
N ASP A 110 24.49 -14.68 1.93
CA ASP A 110 24.57 -15.97 2.60
C ASP A 110 24.28 -15.84 4.10
N VAL A 111 23.22 -15.09 4.43
CA VAL A 111 22.80 -14.91 5.82
C VAL A 111 21.28 -15.07 5.96
N LYS A 112 20.83 -15.32 7.19
CA LYS A 112 19.40 -15.49 7.46
C LYS A 112 18.66 -14.16 7.41
N LEU A 113 17.50 -14.16 6.75
CA LEU A 113 16.67 -12.97 6.69
C LEU A 113 16.15 -12.61 8.08
N GLY A 114 16.24 -11.33 8.42
CA GLY A 114 15.85 -10.85 9.73
C GLY A 114 17.05 -10.78 10.67
N GLU A 115 18.19 -11.27 10.20
CA GLU A 115 19.42 -11.23 10.98
C GLU A 115 20.38 -10.12 10.57
N GLU A 116 21.21 -10.37 9.56
CA GLU A 116 22.14 -9.36 9.07
C GLU A 116 21.42 -8.48 8.05
N VAL A 117 20.57 -9.10 7.25
CA VAL A 117 19.73 -8.36 6.31
C VAL A 117 18.28 -8.51 6.73
N GLY A 118 17.58 -7.39 6.87
CA GLY A 118 16.20 -7.45 7.34
C GLY A 118 15.30 -6.46 6.64
N TYR A 119 13.99 -6.63 6.79
CA TYR A 119 13.07 -5.67 6.20
C TYR A 119 12.15 -5.02 7.22
N SER A 120 11.56 -3.90 6.83
CA SER A 120 10.65 -3.17 7.70
C SER A 120 9.46 -2.59 6.94
N ILE A 121 8.29 -3.16 7.22
CA ILE A 121 7.03 -2.68 6.69
C ILE A 121 6.14 -2.31 7.87
N ARG A 122 5.16 -1.44 7.63
CA ARG A 122 4.15 -1.15 8.64
C ARG A 122 3.50 -2.46 9.08
N PHE A 123 3.55 -2.72 10.39
CA PHE A 123 2.99 -3.92 11.02
C PHE A 123 3.76 -5.20 10.72
N GLU A 124 4.86 -5.10 9.98
CA GLU A 124 5.66 -6.28 9.68
C GLU A 124 7.16 -5.99 9.79
N ASN A 125 7.75 -6.41 10.91
CA ASN A 125 9.15 -6.11 11.19
C ASN A 125 10.03 -7.35 11.21
N LYS A 126 10.85 -7.50 10.17
CA LYS A 126 11.78 -8.62 10.10
C LYS A 126 13.21 -8.12 10.26
N THR A 127 13.55 -7.65 11.46
CA THR A 127 14.90 -7.17 11.77
C THR A 127 15.32 -7.58 13.17
N SER A 128 16.58 -7.33 13.49
CA SER A 128 17.12 -7.57 14.82
C SER A 128 18.39 -6.76 15.01
N SER A 129 19.04 -6.91 16.16
CA SER A 129 20.26 -6.16 16.44
C SER A 129 21.37 -6.51 15.47
N LYS A 130 21.28 -7.70 14.87
CA LYS A 130 22.28 -8.14 13.90
C LYS A 130 22.18 -7.41 12.57
N THR A 131 21.08 -6.68 12.37
CA THR A 131 20.80 -6.07 11.07
C THR A 131 21.74 -4.92 10.72
N LEU A 132 22.40 -5.06 9.57
CA LEU A 132 23.26 -4.02 9.04
C LEU A 132 22.58 -3.36 7.86
N LEU A 133 21.83 -4.16 7.10
CA LEU A 133 21.15 -3.70 5.91
C LEU A 133 19.64 -3.89 6.04
N LYS A 134 18.91 -2.78 6.04
CA LYS A 134 17.46 -2.84 6.17
C LYS A 134 16.74 -2.30 4.93
N TYR A 135 15.93 -3.16 4.32
CA TYR A 135 15.04 -2.75 3.24
C TYR A 135 13.68 -2.42 3.84
N MET A 136 13.28 -1.15 3.77
CA MET A 136 12.05 -0.74 4.41
C MET A 136 11.16 0.05 3.46
N THR A 137 9.88 0.16 3.79
CA THR A 137 9.02 1.04 3.02
C THR A 137 9.36 2.48 3.36
N ASP A 138 9.31 3.36 2.36
CA ASP A 138 9.67 4.76 2.56
C ASP A 138 8.81 5.42 3.64
N GLY A 139 7.55 5.01 3.71
CA GLY A 139 6.65 5.47 4.76
C GLY A 139 7.15 5.05 6.13
N GLN A 140 7.69 3.84 6.22
CA GLN A 140 8.21 3.32 7.47
C GLN A 140 9.39 4.16 7.96
N LEU A 141 10.29 4.51 7.05
CA LEU A 141 11.42 5.36 7.39
C LEU A 141 10.93 6.74 7.81
N LEU A 142 9.92 7.24 7.10
CA LEU A 142 9.33 8.53 7.43
C LEU A 142 8.75 8.52 8.85
N ARG A 143 8.13 7.42 9.24
CA ARG A 143 7.58 7.30 10.59
C ARG A 143 8.67 7.14 11.63
N GLU A 144 9.78 6.50 11.24
CA GLU A 144 10.93 6.39 12.12
C GLU A 144 11.52 7.76 12.38
N ALA A 145 11.51 8.61 11.36
CA ALA A 145 12.06 9.95 11.46
C ALA A 145 11.30 10.82 12.47
N MET A 146 10.02 10.50 12.68
CA MET A 146 9.18 11.28 13.58
C MET A 146 9.60 11.09 15.04
N HIS A 147 10.18 9.94 15.35
CA HIS A 147 10.72 9.68 16.69
C HIS A 147 12.20 10.04 16.75
N ASP A 148 12.83 10.11 15.59
CA ASP A 148 14.26 10.33 15.48
C ASP A 148 14.56 11.27 14.30
N ARG A 149 14.54 12.57 14.57
CA ARG A 149 14.58 13.59 13.52
C ARG A 149 15.87 13.60 12.71
N ASP A 150 16.97 13.17 13.33
CA ASP A 150 18.25 13.16 12.64
C ASP A 150 18.57 11.78 12.06
N MET A 151 17.67 10.82 12.30
CA MET A 151 17.84 9.44 11.86
C MET A 151 19.21 8.89 12.25
N SER A 152 19.48 8.92 13.55
CA SER A 152 20.81 8.63 14.08
C SER A 152 21.22 7.17 13.98
N ARG A 153 20.30 6.30 13.58
CA ARG A 153 20.61 4.88 13.47
C ARG A 153 21.13 4.49 12.10
N TYR A 154 21.17 5.46 11.18
CA TYR A 154 21.59 5.19 9.81
C TYR A 154 22.79 6.02 9.40
N SER A 155 23.76 5.36 8.75
CA SER A 155 24.96 6.04 8.26
C SER A 155 24.79 6.38 6.78
N CYS A 156 23.95 5.59 6.11
CA CYS A 156 23.65 5.80 4.70
C CYS A 156 22.20 5.50 4.42
N ILE A 157 21.57 6.36 3.62
CA ILE A 157 20.17 6.17 3.25
C ILE A 157 20.02 6.15 1.73
N ILE A 158 19.49 5.04 1.23
CA ILE A 158 19.28 4.86 -0.19
C ILE A 158 17.79 4.98 -0.51
N LEU A 159 17.41 6.09 -1.13
CA LEU A 159 16.03 6.30 -1.56
C LEU A 159 15.83 5.72 -2.96
N ASP A 160 15.24 4.55 -3.03
CA ASP A 160 15.10 3.83 -4.30
C ASP A 160 13.73 4.05 -4.94
N GLU A 161 13.67 3.88 -6.27
CA GLU A 161 12.45 4.04 -7.04
C GLU A 161 11.87 5.45 -6.87
N ALA A 162 12.74 6.45 -6.96
CA ALA A 162 12.35 7.83 -6.75
C ALA A 162 11.43 8.36 -7.84
N HIS A 163 11.50 7.75 -9.03
CA HIS A 163 10.72 8.20 -10.18
C HIS A 163 9.22 7.97 -9.99
N GLU A 164 8.87 7.06 -9.08
CA GLU A 164 7.46 6.82 -8.78
C GLU A 164 6.84 8.02 -8.06
N ARG A 165 7.71 8.91 -7.57
CA ARG A 165 7.31 10.17 -6.95
C ARG A 165 6.18 10.02 -5.94
N THR A 166 6.28 9.00 -5.09
CA THR A 166 5.29 8.81 -4.03
C THR A 166 5.44 9.90 -2.98
N LEU A 167 4.45 9.98 -2.10
CA LEU A 167 4.36 11.02 -1.09
C LEU A 167 5.52 10.98 -0.09
N ALA A 168 5.65 9.84 0.57
CA ALA A 168 6.66 9.65 1.61
C ALA A 168 8.08 9.82 1.07
N THR A 169 8.29 9.39 -0.18
CA THR A 169 9.60 9.54 -0.82
C THR A 169 9.97 11.01 -0.96
N ASP A 170 9.01 11.82 -1.38
CA ASP A 170 9.25 13.25 -1.54
C ASP A 170 9.50 13.95 -0.20
N ILE A 171 8.65 13.65 0.79
CA ILE A 171 8.85 14.21 2.12
C ILE A 171 10.23 13.82 2.66
N LEU A 172 10.62 12.58 2.41
CA LEU A 172 11.94 12.09 2.80
C LEU A 172 13.05 12.84 2.08
N MET A 173 12.84 13.16 0.81
CA MET A 173 13.82 13.91 0.04
C MET A 173 14.03 15.29 0.62
N ALA A 174 12.93 15.93 1.02
CA ALA A 174 13.01 17.24 1.65
C ALA A 174 13.75 17.16 3.00
N LEU A 175 13.29 16.26 3.86
CA LEU A 175 13.89 16.04 5.17
C LEU A 175 15.39 15.78 5.06
N LEU A 176 15.77 14.97 4.09
CA LEU A 176 17.17 14.56 3.93
C LEU A 176 18.02 15.64 3.29
N LYS A 177 17.40 16.46 2.45
CA LYS A 177 18.08 17.63 1.92
C LYS A 177 18.41 18.57 3.09
N GLN A 178 17.45 18.74 3.99
CA GLN A 178 17.64 19.60 5.14
C GLN A 178 18.59 18.98 6.17
N LEU A 179 18.69 17.65 6.14
CA LEU A 179 19.48 16.91 7.13
C LEU A 179 20.94 16.78 6.71
N SER A 180 21.18 16.78 5.40
CA SER A 180 22.54 16.66 4.87
C SER A 180 23.41 17.84 5.30
N GLU A 181 22.75 18.93 5.69
CA GLU A 181 23.46 20.12 6.17
C GLU A 181 23.91 19.95 7.60
N ARG A 182 23.11 19.25 8.41
CA ARG A 182 23.45 19.01 9.80
C ARG A 182 24.40 17.82 9.94
N ARG A 183 24.04 16.70 9.32
CA ARG A 183 24.85 15.49 9.40
C ARG A 183 25.68 15.27 8.14
N LYS A 184 26.98 15.60 8.23
CA LYS A 184 27.89 15.35 7.13
C LYS A 184 28.36 13.89 7.16
N ASP A 185 28.03 13.19 8.24
CA ASP A 185 28.40 11.79 8.39
C ASP A 185 27.32 10.87 7.79
N LEU A 186 26.36 11.48 7.11
CA LEU A 186 25.28 10.72 6.49
C LEU A 186 25.40 10.73 4.97
N LYS A 187 25.46 9.53 4.38
CA LYS A 187 25.48 9.41 2.93
C LYS A 187 24.06 9.26 2.40
N ILE A 188 23.81 9.82 1.22
CA ILE A 188 22.49 9.75 0.60
C ILE A 188 22.58 9.33 -0.85
N ILE A 189 21.93 8.23 -1.19
CA ILE A 189 21.92 7.76 -2.58
C ILE A 189 20.50 7.69 -3.14
N VAL A 190 20.21 8.55 -4.11
CA VAL A 190 18.89 8.56 -4.75
C VAL A 190 18.92 7.76 -6.04
N MET A 191 18.09 6.73 -6.12
CA MET A 191 18.07 5.84 -7.28
C MET A 191 16.77 5.98 -8.07
N SER A 192 16.87 5.76 -9.38
CA SER A 192 15.73 5.94 -10.28
C SER A 192 15.85 5.10 -11.53
N ALA A 193 14.77 5.01 -12.29
CA ALA A 193 14.75 4.28 -13.55
C ALA A 193 14.67 5.24 -14.73
N THR A 194 13.78 6.23 -14.61
CA THR A 194 13.69 7.30 -15.61
C THR A 194 14.95 8.14 -15.54
N LEU A 195 15.50 8.48 -16.70
CA LEU A 195 16.82 9.12 -16.75
C LEU A 195 16.78 10.58 -16.32
N ASP A 196 15.65 11.24 -16.52
CA ASP A 196 15.55 12.67 -16.23
C ASP A 196 15.59 12.93 -14.73
N ALA A 197 16.79 12.93 -14.16
CA ALA A 197 17.00 13.22 -12.76
C ALA A 197 17.86 14.46 -12.59
N GLN A 198 17.78 15.36 -13.57
CA GLN A 198 18.49 16.63 -13.49
C GLN A 198 17.83 17.52 -12.45
N LYS A 199 16.53 17.32 -12.26
CA LYS A 199 15.79 18.00 -11.22
C LYS A 199 16.24 17.47 -9.86
N PHE A 200 16.50 16.17 -9.80
CA PHE A 200 17.04 15.54 -8.60
C PHE A 200 18.40 16.12 -8.26
N GLN A 201 19.22 16.31 -9.30
CA GLN A 201 20.54 16.91 -9.12
C GLN A 201 20.44 18.32 -8.59
N SER A 202 19.73 19.17 -9.33
CA SER A 202 19.54 20.57 -8.95
C SER A 202 19.01 20.72 -7.53
N TYR A 203 18.05 19.85 -7.17
CA TYR A 203 17.44 19.87 -5.85
C TYR A 203 18.48 19.62 -4.76
N PHE A 204 19.28 18.56 -4.94
CA PHE A 204 20.28 18.20 -3.94
C PHE A 204 21.63 18.87 -4.21
N PHE A 205 21.59 20.20 -4.36
CA PHE A 205 22.80 21.02 -4.48
C PHE A 205 23.72 20.55 -5.60
N ASN A 206 23.13 20.26 -6.76
CA ASN A 206 23.87 19.77 -7.92
C ASN A 206 24.67 18.51 -7.62
N ALA A 207 23.97 17.47 -7.20
CA ALA A 207 24.59 16.18 -6.89
C ALA A 207 25.03 15.48 -8.16
N PRO A 208 26.09 14.66 -8.06
CA PRO A 208 26.58 13.92 -9.24
C PRO A 208 25.60 12.87 -9.73
N LEU A 209 25.81 12.40 -10.96
CA LEU A 209 24.95 11.38 -11.56
C LEU A 209 25.76 10.21 -12.13
N LEU A 210 25.37 8.99 -11.76
CA LEU A 210 25.92 7.81 -12.41
C LEU A 210 24.81 7.11 -13.16
N ALA A 211 25.00 6.91 -14.45
CA ALA A 211 23.96 6.30 -15.28
C ALA A 211 24.45 5.00 -15.92
N VAL A 212 23.67 3.94 -15.71
CA VAL A 212 23.99 2.65 -16.32
C VAL A 212 23.33 2.56 -17.70
N PRO A 213 24.13 2.28 -18.73
CA PRO A 213 23.60 2.15 -20.09
C PRO A 213 22.58 1.02 -20.19
N GLY A 214 21.44 1.32 -20.77
CA GLY A 214 20.38 0.33 -20.93
C GLY A 214 20.78 -0.78 -21.87
N ARG A 215 20.44 -2.00 -21.51
CA ARG A 215 20.83 -3.17 -22.30
C ARG A 215 19.65 -4.10 -22.55
N THR A 216 18.47 -3.52 -22.75
CA THR A 216 17.28 -4.28 -23.05
C THR A 216 17.27 -4.76 -24.49
N HIS A 217 16.75 -5.96 -24.72
CA HIS A 217 16.62 -6.51 -26.06
C HIS A 217 15.37 -5.94 -26.73
N PRO A 218 15.31 -5.96 -28.07
CA PRO A 218 14.17 -5.33 -28.77
C PRO A 218 12.81 -5.96 -28.45
N VAL A 219 11.84 -5.11 -28.11
CA VAL A 219 10.48 -5.56 -27.86
C VAL A 219 9.54 -5.14 -28.97
N GLU A 220 8.87 -6.11 -29.58
CA GLU A 220 7.92 -5.83 -30.64
C GLU A 220 6.52 -5.66 -30.07
N ILE A 221 5.87 -4.55 -30.38
CA ILE A 221 4.58 -4.24 -29.76
C ILE A 221 3.39 -4.53 -30.66
N PHE A 222 2.43 -5.28 -30.11
CA PHE A 222 1.23 -5.69 -30.85
C PHE A 222 0.00 -4.94 -30.35
N TYR A 223 -0.91 -4.63 -31.27
CA TYR A 223 -2.13 -3.90 -30.94
C TYR A 223 -3.39 -4.55 -31.53
N THR A 224 -4.49 -4.43 -30.80
CA THR A 224 -5.79 -5.00 -31.18
C THR A 224 -6.50 -4.09 -32.19
N PRO A 225 -7.60 -4.55 -32.83
CA PRO A 225 -8.11 -3.68 -33.91
C PRO A 225 -8.92 -2.55 -33.39
N GLU A 226 -9.63 -2.90 -32.34
CA GLU A 226 -10.69 -2.13 -31.74
C GLU A 226 -10.68 -2.61 -30.31
N ALA A 227 -11.03 -1.74 -29.38
CA ALA A 227 -10.94 -2.08 -27.97
C ALA A 227 -11.87 -3.24 -27.61
N GLU A 228 -11.49 -3.96 -26.56
CA GLU A 228 -12.36 -4.99 -26.00
C GLU A 228 -12.85 -4.51 -24.64
N ARG A 229 -14.16 -4.53 -24.44
CA ARG A 229 -14.78 -3.94 -23.26
C ARG A 229 -14.29 -4.57 -21.96
N ASP A 230 -14.36 -5.90 -21.88
CA ASP A 230 -13.87 -6.61 -20.71
C ASP A 230 -12.43 -7.07 -20.91
N TYR A 231 -11.49 -6.36 -20.31
CA TYR A 231 -10.08 -6.60 -20.53
C TYR A 231 -9.57 -7.89 -19.88
N VAL A 232 -10.32 -8.41 -18.93
CA VAL A 232 -9.88 -9.60 -18.19
C VAL A 232 -9.90 -10.86 -19.04
N GLU A 233 -11.04 -11.16 -19.66
CA GLU A 233 -11.13 -12.35 -20.51
C GLU A 233 -10.30 -12.18 -21.77
N ALA A 234 -10.13 -10.93 -22.19
CA ALA A 234 -9.21 -10.61 -23.29
C ALA A 234 -7.81 -11.04 -22.89
N ALA A 235 -7.42 -10.67 -21.67
CA ALA A 235 -6.12 -11.03 -21.13
C ALA A 235 -5.95 -12.54 -21.03
N ILE A 236 -6.98 -13.23 -20.53
CA ILE A 236 -6.91 -14.67 -20.34
C ILE A 236 -6.80 -15.40 -21.66
N ARG A 237 -7.61 -15.01 -22.64
CA ARG A 237 -7.54 -15.63 -23.96
C ARG A 237 -6.21 -15.31 -24.63
N THR A 238 -5.64 -14.15 -24.30
CA THR A 238 -4.35 -13.78 -24.84
C THR A 238 -3.26 -14.68 -24.26
N VAL A 239 -3.27 -14.86 -22.95
CA VAL A 239 -2.32 -15.71 -22.26
C VAL A 239 -2.41 -17.14 -22.79
N LEU A 240 -3.64 -17.62 -22.99
CA LEU A 240 -3.85 -18.95 -23.54
C LEU A 240 -3.29 -19.09 -24.95
N GLN A 241 -3.61 -18.11 -25.79
CA GLN A 241 -3.12 -18.08 -27.16
C GLN A 241 -1.60 -18.04 -27.24
N ILE A 242 -0.98 -17.35 -26.29
CA ILE A 242 0.47 -17.31 -26.23
C ILE A 242 1.00 -18.68 -25.83
N HIS A 243 0.46 -19.22 -24.75
CA HIS A 243 0.92 -20.50 -24.23
C HIS A 243 0.76 -21.64 -25.24
N ALA A 244 -0.20 -21.49 -26.14
CA ALA A 244 -0.46 -22.52 -27.14
C ALA A 244 0.29 -22.29 -28.45
N CYS A 245 0.49 -21.04 -28.82
CA CYS A 245 1.05 -20.71 -30.14
C CYS A 245 2.42 -20.03 -30.10
N GLU A 246 3.14 -20.15 -28.99
CA GLU A 246 4.46 -19.52 -28.91
C GLU A 246 5.52 -20.46 -28.35
N PRO A 247 6.80 -20.14 -28.60
CA PRO A 247 7.91 -20.95 -28.07
C PRO A 247 8.17 -20.70 -26.59
N GLU A 248 9.31 -21.23 -26.12
CA GLU A 248 9.71 -21.14 -24.73
C GLU A 248 9.80 -19.71 -24.24
N GLY A 249 9.42 -19.51 -22.98
CA GLY A 249 9.45 -18.20 -22.38
C GLY A 249 8.37 -18.09 -21.31
N ASP A 250 8.39 -17.00 -20.56
CA ASP A 250 7.39 -16.81 -19.51
C ASP A 250 6.54 -15.57 -19.80
N ILE A 251 5.33 -15.56 -19.25
CA ILE A 251 4.37 -14.50 -19.53
C ILE A 251 4.16 -13.58 -18.34
N LEU A 252 4.16 -12.28 -18.58
CA LEU A 252 3.83 -11.31 -17.56
C LEU A 252 2.50 -10.66 -17.89
N LEU A 253 1.49 -10.94 -17.06
CA LEU A 253 0.16 -10.37 -17.26
C LEU A 253 -0.16 -9.35 -16.16
N PHE A 254 -0.36 -8.09 -16.57
CA PHE A 254 -0.66 -7.00 -15.64
C PHE A 254 -2.16 -6.89 -15.37
N LEU A 255 -2.54 -6.74 -14.11
CA LEU A 255 -3.93 -6.47 -13.77
C LEU A 255 -4.02 -5.38 -12.68
N THR A 256 -5.21 -5.23 -12.10
CA THR A 256 -5.48 -4.08 -11.24
C THR A 256 -5.34 -4.37 -9.74
N GLY A 257 -5.98 -5.44 -9.27
CA GLY A 257 -5.99 -5.73 -7.84
C GLY A 257 -6.04 -7.20 -7.49
N GLU A 258 -6.11 -7.47 -6.18
CA GLU A 258 -6.07 -8.83 -5.65
C GLU A 258 -7.14 -9.76 -6.20
N GLU A 259 -8.40 -9.32 -6.14
CA GLU A 259 -9.54 -10.14 -6.53
C GLU A 259 -9.48 -10.56 -8.00
N GLU A 260 -9.34 -9.57 -8.87
CA GLU A 260 -9.15 -9.82 -10.31
C GLU A 260 -8.03 -10.81 -10.57
N ILE A 261 -6.91 -10.61 -9.88
CA ILE A 261 -5.73 -11.45 -10.06
C ILE A 261 -5.99 -12.89 -9.67
N GLU A 262 -6.57 -13.11 -8.50
CA GLU A 262 -6.86 -14.46 -8.03
C GLU A 262 -7.84 -15.17 -8.96
N ASP A 263 -8.95 -14.51 -9.27
CA ASP A 263 -9.96 -15.07 -10.17
C ASP A 263 -9.34 -15.44 -11.51
N ALA A 264 -8.58 -14.50 -12.08
CA ALA A 264 -7.93 -14.71 -13.38
C ALA A 264 -6.95 -15.88 -13.32
N CYS A 265 -6.19 -15.98 -12.24
CA CYS A 265 -5.27 -17.10 -12.06
C CYS A 265 -6.02 -18.42 -12.08
N ARG A 266 -7.14 -18.46 -11.37
CA ARG A 266 -7.94 -19.67 -11.29
C ARG A 266 -8.50 -20.07 -12.65
N ARG A 267 -9.07 -19.10 -13.37
CA ARG A 267 -9.67 -19.37 -14.68
C ARG A 267 -8.62 -19.80 -15.71
N ILE A 268 -7.49 -19.09 -15.72
CA ILE A 268 -6.36 -19.46 -16.55
C ILE A 268 -5.94 -20.89 -16.26
N SER A 269 -5.82 -21.21 -14.97
CA SER A 269 -5.46 -22.56 -14.55
C SER A 269 -6.43 -23.61 -15.09
N LEU A 270 -7.73 -23.34 -14.97
CA LEU A 270 -8.75 -24.27 -15.47
C LEU A 270 -8.62 -24.50 -16.97
N GLU A 271 -8.62 -23.41 -17.72
CA GLU A 271 -8.62 -23.50 -19.18
C GLU A 271 -7.32 -24.09 -19.72
N VAL A 272 -6.22 -23.87 -18.98
CA VAL A 272 -4.95 -24.51 -19.31
C VAL A 272 -5.02 -26.00 -19.02
N ASP A 273 -5.61 -26.36 -17.88
CA ASP A 273 -5.77 -27.76 -17.51
C ASP A 273 -6.55 -28.54 -18.56
N GLU A 274 -7.68 -27.98 -19.00
CA GLU A 274 -8.44 -28.60 -20.07
C GLU A 274 -7.64 -28.61 -21.37
N MET A 275 -6.85 -27.56 -21.56
CA MET A 275 -6.01 -27.45 -22.76
C MET A 275 -4.97 -28.57 -22.84
N ILE A 276 -4.48 -29.02 -21.69
CA ILE A 276 -3.47 -30.07 -21.67
C ILE A 276 -4.03 -31.41 -22.16
N ARG A 277 -5.22 -31.77 -21.66
CA ARG A 277 -5.84 -33.05 -21.99
C ARG A 277 -6.26 -33.15 -23.44
N GLU A 278 -6.49 -32.02 -24.07
CA GLU A 278 -7.07 -32.00 -25.40
C GLU A 278 -6.07 -31.58 -26.48
N SER A 279 -5.01 -30.89 -26.08
CA SER A 279 -4.15 -30.22 -27.06
C SER A 279 -2.67 -30.58 -26.99
N ASP A 280 -1.88 -29.80 -27.74
CA ASP A 280 -0.43 -29.94 -27.84
C ASP A 280 0.25 -29.16 -26.72
N ALA A 281 -0.49 -28.19 -26.17
CA ALA A 281 0.04 -27.26 -25.17
C ALA A 281 0.69 -27.98 -23.99
N GLY A 282 1.87 -27.50 -23.61
CA GLY A 282 2.58 -28.05 -22.46
C GLY A 282 2.01 -27.56 -21.15
N PRO A 283 2.68 -27.88 -20.04
CA PRO A 283 2.21 -27.45 -18.72
C PRO A 283 2.41 -25.95 -18.51
N MET A 284 1.68 -25.38 -17.55
CA MET A 284 1.85 -23.96 -17.27
C MET A 284 1.50 -23.64 -15.83
N SER A 285 2.50 -23.22 -15.05
CA SER A 285 2.26 -22.81 -13.68
C SER A 285 1.84 -21.34 -13.64
N VAL A 286 0.91 -21.01 -12.76
CA VAL A 286 0.42 -19.64 -12.66
C VAL A 286 0.60 -19.09 -11.25
N TYR A 287 1.18 -17.89 -11.16
CA TYR A 287 1.43 -17.27 -9.87
C TYR A 287 0.85 -15.86 -9.78
N PRO A 288 0.13 -15.57 -8.69
CA PRO A 288 -0.37 -14.22 -8.42
C PRO A 288 0.72 -13.32 -7.83
N LEU A 289 0.57 -12.01 -8.01
CA LEU A 289 1.50 -11.05 -7.42
C LEU A 289 0.83 -9.70 -7.17
N TYR A 290 0.58 -9.40 -5.90
CA TYR A 290 -0.02 -8.11 -5.53
C TYR A 290 0.44 -7.68 -4.14
N GLY A 291 0.11 -6.45 -3.78
CA GLY A 291 0.63 -5.81 -2.58
C GLY A 291 0.50 -6.55 -1.26
N THR A 292 -0.67 -7.14 -1.01
CA THR A 292 -0.95 -7.74 0.29
C THR A 292 -0.47 -9.18 0.42
N LEU A 293 0.12 -9.71 -0.64
CA LEU A 293 0.54 -11.11 -0.69
C LEU A 293 1.58 -11.45 0.38
N PRO A 294 1.37 -12.57 1.09
CA PRO A 294 2.32 -13.03 2.11
C PRO A 294 3.65 -13.50 1.49
N PRO A 295 4.76 -13.35 2.23
CA PRO A 295 6.14 -13.65 1.81
C PRO A 295 6.33 -14.93 1.00
N HIS A 296 5.81 -16.04 1.50
CA HIS A 296 5.95 -17.34 0.83
C HIS A 296 5.43 -17.27 -0.61
N GLN A 297 4.21 -16.75 -0.75
CA GLN A 297 3.57 -16.64 -2.06
C GLN A 297 4.28 -15.64 -2.96
N GLN A 298 4.89 -14.63 -2.35
CA GLN A 298 5.75 -13.71 -3.08
C GLN A 298 6.91 -14.48 -3.70
N GLN A 299 7.62 -15.21 -2.85
CA GLN A 299 8.82 -15.93 -3.27
C GLN A 299 8.53 -17.04 -4.28
N ARG A 300 7.30 -17.55 -4.26
CA ARG A 300 6.93 -18.63 -5.17
C ARG A 300 6.95 -18.21 -6.65
N ILE A 301 6.96 -16.90 -6.92
CA ILE A 301 6.93 -16.43 -8.30
C ILE A 301 8.30 -16.59 -8.98
N PHE A 302 9.33 -16.83 -8.17
CA PHE A 302 10.67 -16.96 -8.70
C PHE A 302 11.05 -18.42 -8.95
N GLU A 303 10.12 -19.32 -8.68
CA GLU A 303 10.28 -20.73 -9.07
C GLU A 303 10.42 -20.78 -10.58
N LYS A 304 11.21 -21.74 -11.07
CA LYS A 304 11.38 -21.86 -12.52
C LYS A 304 10.25 -22.68 -13.14
N ALA A 305 9.97 -22.41 -14.40
CA ALA A 305 8.89 -23.07 -15.14
C ALA A 305 9.07 -24.58 -15.21
N PRO A 306 7.94 -25.31 -15.17
CA PRO A 306 7.95 -26.75 -15.47
C PRO A 306 8.28 -26.99 -16.93
N GLN A 307 8.98 -28.10 -17.20
CA GLN A 307 9.35 -28.44 -18.55
C GLN A 307 8.40 -29.53 -19.06
N PRO A 308 8.32 -29.72 -20.39
CA PRO A 308 7.39 -30.67 -21.00
C PRO A 308 7.36 -32.07 -20.39
N PHE A 309 6.28 -32.79 -20.68
CA PHE A 309 6.12 -34.17 -20.22
C PHE A 309 7.10 -35.08 -20.93
N ARG A 310 7.26 -34.87 -22.23
CA ARG A 310 8.28 -35.55 -23.02
C ARG A 310 9.07 -34.55 -23.83
N PRO A 311 10.40 -34.74 -23.89
CA PRO A 311 11.33 -33.79 -24.51
C PRO A 311 11.09 -33.57 -26.01
N GLY A 312 11.45 -32.38 -26.49
CA GLY A 312 11.38 -32.08 -27.91
C GLY A 312 10.15 -31.31 -28.33
N GLY A 313 9.13 -31.31 -27.49
CA GLY A 313 7.89 -30.63 -27.81
C GLY A 313 7.13 -30.19 -26.56
N ARG A 314 5.93 -29.65 -26.76
CA ARG A 314 5.06 -29.20 -25.67
C ARG A 314 5.76 -28.30 -24.66
N PRO A 315 6.25 -27.12 -25.09
CA PRO A 315 7.01 -26.25 -24.18
C PRO A 315 6.17 -25.75 -23.01
N GLY A 316 6.68 -25.94 -21.79
CA GLY A 316 5.99 -25.52 -20.59
C GLY A 316 6.48 -24.17 -20.10
N ARG A 317 5.68 -23.50 -19.28
CA ARG A 317 6.04 -22.14 -18.86
C ARG A 317 5.34 -21.62 -17.62
N LYS A 318 5.63 -20.36 -17.31
CA LYS A 318 5.07 -19.65 -16.17
C LYS A 318 4.22 -18.47 -16.61
N CYS A 319 3.18 -18.17 -15.84
CA CYS A 319 2.41 -16.96 -16.03
C CYS A 319 2.33 -16.20 -14.72
N ILE A 320 2.92 -15.01 -14.70
CA ILE A 320 2.85 -14.15 -13.53
C ILE A 320 1.72 -13.14 -13.71
N VAL A 321 0.61 -13.39 -13.03
CA VAL A 321 -0.50 -12.45 -13.00
C VAL A 321 -0.23 -11.46 -11.88
N ALA A 322 0.31 -10.30 -12.25
CA ALA A 322 0.76 -9.32 -11.29
C ALA A 322 0.09 -7.97 -11.47
N THR A 323 0.15 -7.13 -10.44
CA THR A 323 -0.25 -5.75 -10.55
C THR A 323 0.95 -4.95 -11.04
N ASN A 324 0.88 -3.63 -10.98
CA ASN A 324 1.97 -2.80 -11.51
C ASN A 324 3.22 -2.82 -10.62
N ILE A 325 3.20 -3.65 -9.57
CA ILE A 325 4.40 -3.89 -8.79
C ILE A 325 5.50 -4.41 -9.71
N ALA A 326 5.13 -5.32 -10.60
CA ALA A 326 6.08 -5.89 -11.54
C ALA A 326 6.42 -4.95 -12.70
N GLU A 327 5.86 -3.75 -12.66
CA GLU A 327 6.13 -2.76 -13.68
C GLU A 327 7.55 -2.23 -13.61
N THR A 328 7.99 -1.90 -12.39
CA THR A 328 9.34 -1.37 -12.16
C THR A 328 9.98 -1.78 -10.84
N SER A 329 9.17 -2.09 -9.84
CA SER A 329 9.69 -2.47 -8.52
C SER A 329 10.54 -3.72 -8.48
N LEU A 330 10.13 -4.76 -9.18
CA LEU A 330 10.90 -5.99 -9.19
C LEU A 330 11.00 -6.61 -10.59
N THR A 331 11.96 -7.51 -10.75
CA THR A 331 12.19 -8.17 -12.03
C THR A 331 12.14 -9.69 -11.89
N ILE A 332 11.44 -10.34 -12.80
CA ILE A 332 11.42 -11.80 -12.86
C ILE A 332 12.12 -12.26 -14.12
N ASP A 333 13.06 -13.20 -13.97
CA ASP A 333 13.83 -13.67 -15.10
C ASP A 333 13.11 -14.75 -15.88
N GLY A 334 13.28 -14.72 -17.20
CA GLY A 334 12.67 -15.70 -18.08
C GLY A 334 11.50 -15.13 -18.86
N ILE A 335 11.10 -13.91 -18.51
CA ILE A 335 9.95 -13.28 -19.14
C ILE A 335 10.26 -12.81 -20.56
N VAL A 336 9.41 -13.23 -21.50
CA VAL A 336 9.60 -12.95 -22.92
C VAL A 336 8.37 -12.28 -23.51
N TYR A 337 7.20 -12.59 -22.94
CA TYR A 337 5.96 -12.01 -23.43
C TYR A 337 5.26 -11.22 -22.34
N VAL A 338 4.67 -10.08 -22.71
CA VAL A 338 3.95 -9.26 -21.76
C VAL A 338 2.54 -8.94 -22.24
N VAL A 339 1.53 -9.26 -21.44
CA VAL A 339 0.16 -8.91 -21.78
C VAL A 339 -0.28 -7.65 -21.04
N ASP A 340 -0.60 -6.59 -21.79
CA ASP A 340 -0.89 -5.29 -21.21
C ASP A 340 -2.29 -4.80 -21.55
N PRO A 341 -3.24 -4.97 -20.63
CA PRO A 341 -4.61 -4.48 -20.81
C PRO A 341 -4.70 -2.95 -20.71
N GLY A 342 -3.66 -2.34 -20.13
CA GLY A 342 -3.57 -0.89 -20.10
C GLY A 342 -4.29 -0.23 -18.93
N PHE A 343 -4.58 -0.99 -17.90
CA PHE A 343 -5.26 -0.46 -16.72
C PHE A 343 -4.45 -0.64 -15.46
N SER A 344 -4.67 0.25 -14.49
CA SER A 344 -4.08 0.08 -13.17
C SER A 344 -4.96 0.74 -12.12
N LYS A 345 -4.83 0.31 -10.87
CA LYS A 345 -5.61 0.90 -9.79
C LYS A 345 -4.89 2.12 -9.24
N GLN A 346 -5.41 3.30 -9.56
CA GLN A 346 -4.75 4.55 -9.21
C GLN A 346 -5.52 5.32 -8.15
N LYS A 347 -4.79 5.99 -7.27
CA LYS A 347 -5.39 6.82 -6.23
C LYS A 347 -5.67 8.20 -6.77
N ILE A 348 -6.93 8.62 -6.74
CA ILE A 348 -7.30 9.95 -7.20
C ILE A 348 -7.96 10.74 -6.08
N TYR A 349 -7.73 12.05 -6.09
CA TYR A 349 -8.27 12.94 -5.07
C TYR A 349 -8.72 14.27 -5.68
N ASN A 350 -10.02 14.53 -5.59
CA ASN A 350 -10.56 15.83 -5.97
C ASN A 350 -10.76 16.69 -4.72
N PRO A 351 -10.05 17.83 -4.66
CA PRO A 351 -10.16 18.81 -3.58
C PRO A 351 -11.58 19.32 -3.36
N ARG A 352 -12.14 20.01 -4.36
CA ARG A 352 -13.43 20.67 -4.25
C ARG A 352 -14.51 19.72 -3.72
N THR A 353 -14.61 18.55 -4.33
CA THR A 353 -15.63 17.58 -3.96
C THR A 353 -15.22 16.77 -2.73
N ARG A 354 -13.98 16.98 -2.27
CA ARG A 354 -13.40 16.21 -1.18
C ARG A 354 -13.46 14.70 -1.45
N VAL A 355 -13.37 14.32 -2.71
CA VAL A 355 -13.50 12.91 -3.05
C VAL A 355 -12.14 12.22 -3.18
N GLU A 356 -11.82 11.42 -2.17
CA GLU A 356 -10.63 10.58 -2.16
C GLU A 356 -11.03 9.15 -2.50
N SER A 357 -10.39 8.55 -3.49
CA SER A 357 -10.81 7.22 -3.91
C SER A 357 -9.77 6.44 -4.73
N LEU A 358 -9.78 5.13 -4.55
CA LEU A 358 -9.06 4.23 -5.45
C LEU A 358 -9.93 3.99 -6.67
N LEU A 359 -9.31 3.96 -7.85
CA LEU A 359 -10.06 3.90 -9.09
C LEU A 359 -9.25 3.23 -10.20
N VAL A 360 -9.81 2.18 -10.78
CA VAL A 360 -9.18 1.54 -11.93
C VAL A 360 -9.25 2.50 -13.11
N SER A 361 -8.09 2.82 -13.66
CA SER A 361 -8.00 3.84 -14.69
C SER A 361 -6.94 3.50 -15.74
N PRO A 362 -7.03 4.15 -16.92
CA PRO A 362 -6.01 4.07 -17.96
C PRO A 362 -4.63 4.44 -17.43
N ILE A 363 -3.63 3.69 -17.84
CA ILE A 363 -2.28 3.92 -17.34
C ILE A 363 -1.63 5.10 -18.05
N SER A 364 -0.33 5.28 -17.82
CA SER A 364 0.39 6.36 -18.48
C SER A 364 1.20 5.80 -19.64
N LYS A 365 1.62 6.71 -20.52
CA LYS A 365 2.47 6.34 -21.64
C LYS A 365 3.78 5.72 -21.13
N ALA A 366 4.35 6.35 -20.12
CA ALA A 366 5.56 5.85 -19.46
C ALA A 366 5.35 4.46 -18.88
N SER A 367 4.23 4.28 -18.17
CA SER A 367 3.87 2.99 -17.58
C SER A 367 3.78 1.91 -18.66
N ALA A 368 3.05 2.22 -19.72
CA ALA A 368 2.88 1.33 -20.86
C ALA A 368 4.24 0.91 -21.44
N GLN A 369 5.13 1.89 -21.61
CA GLN A 369 6.45 1.61 -22.16
C GLN A 369 7.28 0.71 -21.23
N GLN A 370 7.15 0.92 -19.92
CA GLN A 370 7.86 0.07 -18.96
C GLN A 370 7.36 -1.39 -19.04
N ARG A 371 6.05 -1.55 -18.91
CA ARG A 371 5.39 -2.85 -19.08
C ARG A 371 5.86 -3.58 -20.34
N ALA A 372 5.84 -2.88 -21.47
CA ALA A 372 6.35 -3.43 -22.72
C ALA A 372 7.82 -3.81 -22.61
N GLY A 373 8.58 -2.97 -21.90
CA GLY A 373 10.02 -3.12 -21.80
C GLY A 373 10.46 -4.36 -21.05
N ARG A 374 9.68 -4.81 -20.09
CA ARG A 374 10.06 -5.96 -19.30
C ARG A 374 10.28 -7.22 -20.10
N ALA A 375 9.55 -7.36 -21.20
CA ALA A 375 9.63 -8.58 -22.01
C ALA A 375 11.00 -8.80 -22.64
N GLY A 376 11.62 -7.71 -23.08
CA GLY A 376 12.90 -7.80 -23.75
C GLY A 376 14.07 -7.52 -22.82
N ARG A 377 14.31 -8.45 -21.90
CA ARG A 377 15.44 -8.33 -20.99
C ARG A 377 16.52 -9.36 -21.34
N THR A 378 16.17 -10.64 -21.21
CA THR A 378 17.10 -11.72 -21.53
C THR A 378 17.18 -11.97 -23.02
N ARG A 379 16.01 -11.96 -23.66
CA ARG A 379 15.88 -12.20 -25.09
C ARG A 379 14.92 -11.20 -25.70
N PRO A 380 14.99 -11.01 -27.08
CA PRO A 380 14.03 -10.03 -27.62
C PRO A 380 12.60 -10.48 -27.39
N GLY A 381 11.76 -9.58 -26.89
CA GLY A 381 10.39 -9.91 -26.58
C GLY A 381 9.25 -9.13 -27.18
N LYS A 382 8.05 -9.70 -27.07
CA LYS A 382 6.84 -9.09 -27.58
C LYS A 382 5.79 -8.73 -26.53
N CYS A 383 5.28 -7.51 -26.62
CA CYS A 383 4.20 -7.03 -25.77
C CYS A 383 2.87 -6.93 -26.53
N PHE A 384 1.89 -7.67 -26.04
CA PHE A 384 0.52 -7.64 -26.54
C PHE A 384 -0.30 -6.60 -25.79
N ARG A 385 -0.51 -5.45 -26.43
CA ARG A 385 -1.33 -4.41 -25.80
C ARG A 385 -2.78 -4.52 -26.28
N LEU A 386 -3.69 -4.66 -25.32
CA LEU A 386 -5.09 -4.92 -25.63
C LEU A 386 -5.80 -3.70 -26.19
N TYR A 387 -5.33 -2.51 -25.84
CA TYR A 387 -5.93 -1.28 -26.35
C TYR A 387 -5.38 -0.97 -27.74
N THR A 388 -6.04 -0.07 -28.46
CA THR A 388 -5.64 0.22 -29.84
C THR A 388 -4.49 1.22 -29.88
N GLU A 389 -3.77 1.22 -31.01
CA GLU A 389 -2.59 2.07 -31.20
C GLU A 389 -2.94 3.55 -31.21
N GLU A 390 -3.97 3.90 -31.98
CA GLU A 390 -4.47 5.26 -32.03
C GLU A 390 -4.86 5.75 -30.63
N ALA A 391 -5.60 4.90 -29.91
CA ALA A 391 -5.97 5.12 -28.51
C ALA A 391 -4.72 5.35 -27.67
N PHE A 392 -3.76 4.44 -27.80
CA PHE A 392 -2.46 4.59 -27.14
C PHE A 392 -1.97 6.00 -27.31
N LYS A 393 -1.96 6.45 -28.57
CA LYS A 393 -1.44 7.75 -28.91
C LYS A 393 -2.21 8.88 -28.25
N LYS A 394 -3.52 8.75 -28.10
CA LYS A 394 -4.31 9.91 -27.64
C LYS A 394 -5.30 9.77 -26.47
N GLU A 395 -5.35 8.59 -25.86
CA GLU A 395 -6.07 8.44 -24.60
C GLU A 395 -5.13 8.65 -23.42
N LEU A 396 -3.90 8.19 -23.62
CA LEU A 396 -3.01 7.93 -22.50
C LEU A 396 -2.29 9.19 -22.04
N ILE A 397 -2.45 9.51 -20.76
CA ILE A 397 -1.69 10.60 -20.17
C ILE A 397 -0.20 10.25 -20.28
N GLU A 398 0.64 11.27 -20.36
CA GLU A 398 2.07 11.07 -20.70
C GLU A 398 2.91 10.63 -19.50
N GLN A 399 2.48 11.03 -18.32
CA GLN A 399 3.08 10.51 -17.09
C GLN A 399 2.10 10.65 -15.93
N THR A 400 2.24 9.79 -14.94
CA THR A 400 1.38 9.84 -13.77
C THR A 400 1.92 10.93 -12.86
N TYR A 401 1.08 11.89 -12.55
CA TYR A 401 1.49 13.08 -11.84
C TYR A 401 1.91 12.70 -10.42
N PRO A 402 2.65 13.59 -9.73
CA PRO A 402 3.09 13.30 -8.36
C PRO A 402 1.92 12.95 -7.41
N GLU A 403 2.11 11.90 -6.61
CA GLU A 403 1.09 11.42 -5.67
C GLU A 403 0.74 12.49 -4.65
N ILE A 404 1.74 13.32 -4.32
CA ILE A 404 1.55 14.50 -3.50
C ILE A 404 0.44 15.40 -4.05
N LEU A 405 0.41 15.55 -5.37
CA LEU A 405 -0.58 16.39 -6.03
C LEU A 405 -1.99 15.77 -6.01
N ARG A 406 -2.06 14.46 -5.86
CA ARG A 406 -3.35 13.77 -5.87
C ARG A 406 -3.58 12.91 -4.62
N SER A 407 -3.56 13.53 -3.45
CA SER A 407 -3.82 12.80 -2.21
C SER A 407 -4.29 13.70 -1.06
N ASN A 408 -4.86 13.07 -0.03
CA ASN A 408 -5.28 13.77 1.17
C ASN A 408 -4.06 14.05 2.05
N LEU A 409 -3.80 15.32 2.33
CA LEU A 409 -2.56 15.71 2.98
C LEU A 409 -2.68 15.87 4.49
N SER A 410 -3.76 15.36 5.07
CA SER A 410 -3.97 15.45 6.51
C SER A 410 -2.86 14.72 7.27
N ASN A 411 -2.66 13.46 6.91
CA ASN A 411 -1.60 12.64 7.49
C ASN A 411 -0.24 13.26 7.27
N THR A 412 -0.01 13.77 6.06
CA THR A 412 1.24 14.43 5.71
C THR A 412 1.51 15.64 6.59
N VAL A 413 0.52 16.51 6.73
CA VAL A 413 0.66 17.71 7.54
C VAL A 413 0.87 17.35 9.01
N LEU A 414 0.18 16.32 9.48
CA LEU A 414 0.35 15.86 10.86
C LEU A 414 1.79 15.37 11.09
N GLU A 415 2.30 14.59 10.14
CA GLU A 415 3.67 14.10 10.21
C GLU A 415 4.68 15.24 10.18
N LEU A 416 4.44 16.22 9.32
CA LEU A 416 5.33 17.37 9.20
C LEU A 416 5.35 18.19 10.49
N LYS A 417 4.18 18.35 11.09
CA LYS A 417 4.07 19.04 12.37
C LYS A 417 4.83 18.29 13.45
N LYS A 418 4.72 16.96 13.44
CA LYS A 418 5.43 16.14 14.41
C LYS A 418 6.95 16.22 14.20
N LEU A 419 7.36 16.41 12.95
CA LEU A 419 8.78 16.48 12.61
C LEU A 419 9.39 17.81 13.03
N GLY A 420 8.56 18.78 13.34
CA GLY A 420 9.04 20.06 13.84
C GLY A 420 8.88 21.21 12.85
N VAL A 421 8.31 20.92 11.69
CA VAL A 421 8.09 21.95 10.67
C VAL A 421 7.14 23.02 11.19
N GLU A 422 7.63 24.25 11.33
CA GLU A 422 6.84 25.34 11.90
C GLU A 422 6.38 26.33 10.84
N ASP A 423 6.72 26.08 9.58
CA ASP A 423 6.24 26.89 8.48
C ASP A 423 5.99 26.04 7.25
N LEU A 424 4.76 25.52 7.15
CA LEU A 424 4.41 24.53 6.14
C LEU A 424 4.46 25.04 4.70
N VAL A 425 4.00 26.27 4.48
CA VAL A 425 3.84 26.78 3.12
C VAL A 425 5.17 27.16 2.47
N HIS A 426 6.28 27.01 3.21
CA HIS A 426 7.60 27.24 2.63
C HIS A 426 8.43 25.97 2.55
N PHE A 427 7.87 24.85 3.01
CA PHE A 427 8.62 23.60 3.07
C PHE A 427 9.15 23.25 1.69
N ASP A 428 10.47 23.15 1.58
CA ASP A 428 11.14 23.01 0.29
C ASP A 428 10.94 21.62 -0.31
N LEU A 429 9.69 21.30 -0.63
CA LEU A 429 9.38 20.07 -1.36
C LEU A 429 9.73 20.27 -2.83
N MET A 430 10.00 19.16 -3.52
CA MET A 430 10.35 19.24 -4.93
C MET A 430 9.18 19.79 -5.75
N ASP A 431 7.99 19.26 -5.50
CA ASP A 431 6.77 19.75 -6.13
C ASP A 431 5.74 20.14 -5.08
N PRO A 432 5.71 21.43 -4.70
CA PRO A 432 4.78 21.96 -3.70
C PRO A 432 3.32 21.65 -4.05
N PRO A 433 2.54 21.17 -3.07
CA PRO A 433 1.14 20.82 -3.30
C PRO A 433 0.25 22.04 -3.45
N ALA A 434 -0.97 21.84 -3.94
CA ALA A 434 -1.93 22.92 -4.09
C ALA A 434 -2.27 23.52 -2.72
N PRO A 435 -2.04 24.84 -2.57
CA PRO A 435 -2.25 25.57 -1.31
C PRO A 435 -3.61 25.30 -0.67
N GLU A 436 -4.65 25.18 -1.49
CA GLU A 436 -5.99 24.93 -0.98
C GLU A 436 -6.12 23.51 -0.45
N THR A 437 -5.39 22.58 -1.05
CA THR A 437 -5.39 21.19 -0.61
C THR A 437 -4.77 21.04 0.77
N MET A 438 -3.60 21.65 0.95
CA MET A 438 -2.89 21.63 2.23
C MET A 438 -3.68 22.36 3.30
N MET A 439 -4.36 23.43 2.89
CA MET A 439 -5.25 24.15 3.78
C MET A 439 -6.33 23.18 4.27
N ARG A 440 -6.95 22.50 3.32
CA ARG A 440 -7.98 21.51 3.61
C ARG A 440 -7.47 20.47 4.60
N ALA A 441 -6.21 20.08 4.44
CA ALA A 441 -5.56 19.22 5.42
C ALA A 441 -5.58 19.87 6.79
N LEU A 442 -5.27 21.17 6.83
CA LEU A 442 -5.25 21.90 8.10
C LEU A 442 -6.61 21.94 8.80
N GLU A 443 -7.67 22.23 8.06
CA GLU A 443 -9.00 22.27 8.71
C GLU A 443 -9.50 20.88 9.07
N GLU A 444 -9.18 19.89 8.25
CA GLU A 444 -9.54 18.51 8.59
C GLU A 444 -8.87 18.13 9.90
N LEU A 445 -7.62 18.57 10.08
CA LEU A 445 -6.91 18.34 11.33
C LEU A 445 -7.48 19.19 12.47
N ASN A 446 -8.09 20.32 12.11
CA ASN A 446 -8.71 21.18 13.11
C ASN A 446 -9.96 20.56 13.70
N TYR A 447 -10.79 20.00 12.82
CA TYR A 447 -11.98 19.32 13.29
C TYR A 447 -11.60 18.10 14.13
N LEU A 448 -10.50 17.42 13.82
CA LEU A 448 -10.18 16.27 14.65
C LEU A 448 -9.60 16.69 16.01
N ALA A 449 -9.47 18.00 16.21
CA ALA A 449 -8.86 18.57 17.41
C ALA A 449 -7.42 18.10 17.60
N CYS A 450 -6.71 17.95 16.48
CA CYS A 450 -5.31 17.56 16.50
C CYS A 450 -4.39 18.78 16.48
N LEU A 451 -4.96 19.93 16.11
CA LEU A 451 -4.23 21.19 16.09
C LEU A 451 -4.99 22.25 16.88
N ASP A 452 -4.26 23.14 17.55
CA ASP A 452 -4.89 24.27 18.21
C ASP A 452 -4.99 25.46 17.25
N ASP A 453 -5.41 26.61 17.77
CA ASP A 453 -5.60 27.80 16.95
C ASP A 453 -4.27 28.45 16.55
N ASP A 454 -3.17 27.93 17.08
CA ASP A 454 -1.85 28.43 16.73
C ASP A 454 -1.14 27.51 15.75
N GLY A 455 -1.85 26.46 15.32
CA GLY A 455 -1.31 25.52 14.36
C GLY A 455 -0.36 24.52 14.97
N GLU A 456 -0.29 24.50 16.29
CA GLU A 456 0.58 23.55 16.99
C GLU A 456 -0.18 22.29 17.35
N LEU A 457 0.57 21.21 17.61
CA LEU A 457 -0.04 19.93 17.91
C LEU A 457 -0.75 19.91 19.26
N THR A 458 -2.00 19.49 19.24
CA THR A 458 -2.74 19.16 20.46
C THR A 458 -2.14 17.89 21.03
N PRO A 459 -2.14 17.74 22.36
CA PRO A 459 -1.80 16.46 22.99
C PRO A 459 -2.39 15.26 22.25
N LEU A 460 -3.66 15.39 21.84
CA LEU A 460 -4.33 14.38 21.04
C LEU A 460 -3.70 14.18 19.67
N GLY A 461 -3.23 15.27 19.07
CA GLY A 461 -2.59 15.20 17.77
C GLY A 461 -1.23 14.53 17.86
N ASN A 462 -0.48 14.92 18.88
CA ASN A 462 0.82 14.32 19.16
C ASN A 462 0.66 12.83 19.41
N LEU A 463 -0.39 12.47 20.13
CA LEU A 463 -0.70 11.08 20.43
C LEU A 463 -1.11 10.33 19.16
N ALA A 464 -1.80 11.04 18.26
CA ALA A 464 -2.29 10.44 17.02
C ALA A 464 -1.15 10.19 16.05
N SER A 465 -0.12 11.00 16.12
CA SER A 465 1.06 10.83 15.26
C SER A 465 1.84 9.57 15.64
N GLU A 466 1.61 9.08 16.86
CA GLU A 466 2.30 7.90 17.36
C GLU A 466 1.68 6.61 16.82
N PHE A 467 0.62 6.74 16.02
CA PHE A 467 -0.06 5.58 15.45
C PHE A 467 0.18 5.48 13.94
N PRO A 468 0.32 4.25 13.43
CA PRO A 468 0.49 4.00 12.00
C PRO A 468 -0.84 4.07 11.25
N LEU A 469 -1.61 5.13 11.49
CA LEU A 469 -2.95 5.23 10.93
C LEU A 469 -3.23 6.61 10.38
N ASP A 470 -4.24 6.71 9.52
CA ASP A 470 -4.78 8.00 9.11
C ASP A 470 -5.28 8.72 10.35
N PRO A 471 -5.13 10.06 10.39
CA PRO A 471 -5.52 10.87 11.54
C PRO A 471 -6.94 10.59 12.04
N ALA A 472 -7.88 10.40 11.14
CA ALA A 472 -9.26 10.11 11.51
C ALA A 472 -9.36 8.80 12.29
N LEU A 473 -8.76 7.75 11.72
CA LEU A 473 -8.76 6.43 12.33
C LEU A 473 -8.06 6.46 13.68
N ALA A 474 -6.90 7.10 13.71
CA ALA A 474 -6.11 7.23 14.94
C ALA A 474 -6.93 7.90 16.03
N VAL A 475 -7.55 9.04 15.69
CA VAL A 475 -8.37 9.77 16.64
C VAL A 475 -9.54 8.95 17.13
N MET A 476 -10.18 8.20 16.23
CA MET A 476 -11.26 7.30 16.62
C MET A 476 -10.79 6.33 17.69
N LEU A 477 -9.69 5.64 17.40
CA LEU A 477 -9.11 4.68 18.31
C LEU A 477 -8.77 5.28 19.68
N ILE A 478 -8.11 6.43 19.66
CA ILE A 478 -7.70 7.13 20.89
C ILE A 478 -8.89 7.59 21.71
N SER A 479 -9.94 8.05 21.03
CA SER A 479 -11.12 8.60 21.69
C SER A 479 -12.05 7.52 22.23
N SER A 480 -11.91 6.30 21.70
CA SER A 480 -12.81 5.20 22.06
C SER A 480 -13.06 4.91 23.56
N PRO A 481 -12.04 5.09 24.43
CA PRO A 481 -12.33 4.83 25.85
C PRO A 481 -13.47 5.68 26.44
N GLU A 482 -13.71 6.85 25.84
CA GLU A 482 -14.77 7.73 26.29
C GLU A 482 -16.16 7.16 25.97
N PHE A 483 -16.20 6.22 25.04
CA PHE A 483 -17.45 5.56 24.65
C PHE A 483 -17.54 4.18 25.28
N TYR A 484 -16.58 3.86 26.15
CA TYR A 484 -16.57 2.62 26.91
C TYR A 484 -16.57 1.36 26.03
N CYS A 485 -15.82 1.43 24.95
CA CYS A 485 -15.70 0.32 24.03
C CYS A 485 -14.40 0.39 23.23
N SER A 486 -13.29 0.62 23.92
CA SER A 486 -11.99 0.73 23.28
C SER A 486 -11.53 -0.54 22.59
N ASN A 487 -11.82 -1.67 23.19
CA ASN A 487 -11.40 -2.97 22.66
C ASN A 487 -12.05 -3.26 21.33
N GLU A 488 -13.36 -3.06 21.26
CA GLU A 488 -14.12 -3.29 20.04
C GLU A 488 -13.68 -2.34 18.93
N ILE A 489 -13.48 -1.08 19.28
CA ILE A 489 -13.03 -0.07 18.32
C ILE A 489 -11.61 -0.40 17.84
N LEU A 490 -10.83 -1.03 18.71
CA LEU A 490 -9.51 -1.52 18.33
C LEU A 490 -9.65 -2.62 17.28
N SER A 491 -10.52 -3.59 17.56
CA SER A 491 -10.82 -4.66 16.62
C SER A 491 -11.23 -4.11 15.26
N ILE A 492 -12.14 -3.14 15.28
CA ILE A 492 -12.69 -2.54 14.07
C ILE A 492 -11.63 -1.75 13.30
N THR A 493 -10.77 -1.04 14.02
CA THR A 493 -9.65 -0.33 13.40
C THR A 493 -8.76 -1.31 12.65
N SER A 494 -8.42 -2.40 13.34
CA SER A 494 -7.60 -3.45 12.76
C SER A 494 -8.22 -4.04 11.50
N LEU A 495 -9.51 -4.36 11.58
CA LEU A 495 -10.23 -4.93 10.45
C LEU A 495 -10.32 -3.94 9.29
N LEU A 496 -10.42 -2.66 9.62
CA LEU A 496 -10.47 -1.61 8.60
C LEU A 496 -9.10 -1.39 7.97
N SER A 497 -8.05 -1.87 8.63
CA SER A 497 -6.69 -1.70 8.12
C SER A 497 -6.17 -2.90 7.32
N VAL A 498 -7.04 -3.84 6.99
CA VAL A 498 -6.68 -5.01 6.20
C VAL A 498 -7.70 -5.22 5.09
N PRO A 499 -7.37 -6.03 4.06
CA PRO A 499 -8.36 -6.30 3.00
C PRO A 499 -9.66 -6.90 3.54
N GLN A 500 -10.70 -6.90 2.72
CA GLN A 500 -11.99 -7.46 3.15
C GLN A 500 -11.83 -8.94 3.50
N ILE A 501 -12.56 -9.37 4.53
CA ILE A 501 -12.39 -10.72 5.06
C ILE A 501 -13.27 -11.74 4.35
N TRP A 502 -14.26 -11.26 3.60
CA TRP A 502 -15.23 -12.14 2.95
C TRP A 502 -14.60 -12.91 1.78
N VAL A 503 -15.01 -14.16 1.64
CA VAL A 503 -14.60 -14.99 0.52
C VAL A 503 -15.84 -15.47 -0.23
N ARG A 504 -15.79 -15.41 -1.55
CA ARG A 504 -16.95 -15.75 -2.37
C ARG A 504 -16.53 -16.58 -3.59
N PRO A 505 -16.18 -17.85 -3.37
CA PRO A 505 -15.78 -18.73 -4.47
C PRO A 505 -16.90 -18.96 -5.46
N ALA A 506 -16.56 -19.18 -6.73
CA ALA A 506 -17.54 -19.34 -7.79
C ALA A 506 -18.44 -20.54 -7.56
N ASN A 507 -17.86 -21.61 -7.01
CA ASN A 507 -18.61 -22.85 -6.77
C ASN A 507 -19.65 -22.71 -5.66
N ALA A 508 -19.40 -21.79 -4.72
CA ALA A 508 -20.20 -21.74 -3.50
C ALA A 508 -20.81 -20.38 -3.20
N ARG A 509 -20.98 -19.55 -4.24
CA ARG A 509 -21.48 -18.19 -4.08
C ARG A 509 -22.71 -18.10 -3.17
N LYS A 510 -23.80 -18.76 -3.57
CA LYS A 510 -25.04 -18.76 -2.79
C LYS A 510 -24.78 -19.10 -1.32
N ARG A 511 -23.92 -20.08 -1.08
CA ARG A 511 -23.58 -20.45 0.28
C ARG A 511 -22.81 -19.30 0.94
N ALA A 512 -21.72 -18.90 0.28
CA ALA A 512 -20.85 -17.84 0.79
C ALA A 512 -21.65 -16.63 1.22
N ASP A 513 -22.39 -16.06 0.25
CA ASP A 513 -23.29 -14.95 0.51
C ASP A 513 -24.14 -15.19 1.75
N GLU A 514 -24.84 -16.33 1.78
CA GLU A 514 -25.71 -16.64 2.89
C GLU A 514 -24.93 -16.66 4.20
N MET A 515 -23.74 -17.26 4.16
CA MET A 515 -22.90 -17.32 5.34
C MET A 515 -22.57 -15.91 5.79
N LYS A 516 -22.23 -15.05 4.83
CA LYS A 516 -21.95 -13.65 5.11
C LYS A 516 -23.15 -13.02 5.81
N ALA A 517 -24.33 -13.34 5.31
CA ALA A 517 -25.57 -12.78 5.84
C ALA A 517 -25.81 -13.24 7.27
N GLN A 518 -25.21 -14.36 7.65
CA GLN A 518 -25.39 -14.88 8.99
C GLN A 518 -24.60 -14.03 9.98
N PHE A 519 -23.55 -13.38 9.50
CA PHE A 519 -22.71 -12.54 10.36
C PHE A 519 -23.29 -11.13 10.47
N ALA A 520 -24.21 -10.81 9.59
CA ALA A 520 -24.73 -9.45 9.45
C ALA A 520 -25.35 -8.90 10.74
N HIS A 521 -24.92 -7.71 11.12
CA HIS A 521 -25.57 -6.96 12.19
C HIS A 521 -26.50 -5.93 11.56
N PRO A 522 -27.74 -5.83 12.06
CA PRO A 522 -28.78 -4.98 11.48
C PRO A 522 -28.42 -3.49 11.41
N ASP A 523 -27.52 -3.04 12.26
CA ASP A 523 -27.24 -1.61 12.38
C ASP A 523 -26.08 -1.10 11.52
N GLY A 524 -25.23 -2.01 11.02
CA GLY A 524 -24.13 -1.57 10.19
C GLY A 524 -23.05 -2.59 9.85
N ASP A 525 -22.22 -2.22 8.87
CA ASP A 525 -21.17 -3.10 8.37
C ASP A 525 -20.01 -3.27 9.35
N HIS A 526 -19.66 -2.19 10.06
CA HIS A 526 -18.60 -2.24 11.05
C HIS A 526 -18.89 -3.32 12.08
N LEU A 527 -20.16 -3.37 12.50
CA LEU A 527 -20.60 -4.34 13.49
C LEU A 527 -20.62 -5.76 12.93
N THR A 528 -20.87 -5.88 11.62
CA THR A 528 -20.82 -7.19 10.96
C THR A 528 -19.39 -7.72 10.97
N LEU A 529 -18.46 -6.84 10.60
CA LEU A 529 -17.03 -7.15 10.67
C LEU A 529 -16.67 -7.60 12.08
N LEU A 530 -17.17 -6.85 13.05
CA LEU A 530 -16.94 -7.17 14.45
C LEU A 530 -17.45 -8.56 14.82
N ASN A 531 -18.66 -8.89 14.38
CA ASN A 531 -19.24 -10.20 14.64
C ASN A 531 -18.42 -11.33 14.04
N ALA A 532 -18.00 -11.15 12.79
CA ALA A 532 -17.18 -12.16 12.12
C ALA A 532 -15.85 -12.36 12.86
N TYR A 533 -15.22 -11.25 13.24
CA TYR A 533 -13.96 -11.29 13.95
C TYR A 533 -14.11 -12.00 15.30
N HIS A 534 -15.20 -11.71 16.00
CA HIS A 534 -15.47 -12.33 17.30
C HIS A 534 -15.72 -13.84 17.15
N ALA A 535 -16.40 -14.23 16.07
CA ALA A 535 -16.60 -15.64 15.78
C ALA A 535 -15.26 -16.32 15.56
N TYR A 536 -14.39 -15.63 14.83
CA TYR A 536 -13.03 -16.11 14.56
C TYR A 536 -12.24 -16.30 15.85
N LYS A 537 -12.30 -15.33 16.75
CA LYS A 537 -11.60 -15.40 18.03
C LYS A 537 -12.19 -16.50 18.92
N GLY A 538 -13.49 -16.72 18.79
CA GLY A 538 -14.16 -17.76 19.54
C GLY A 538 -13.69 -19.13 19.08
N ALA A 539 -13.58 -19.30 17.76
CA ALA A 539 -13.08 -20.53 17.20
C ALA A 539 -11.62 -20.76 17.59
N GLU A 540 -10.84 -19.68 17.61
CA GLU A 540 -9.43 -19.77 17.98
C GLU A 540 -9.28 -20.19 19.43
N ALA A 541 -10.07 -19.57 20.31
CA ALA A 541 -10.07 -19.93 21.72
C ALA A 541 -10.48 -21.38 21.92
N ARG A 542 -11.48 -21.81 21.15
CA ARG A 542 -12.04 -23.15 21.28
C ARG A 542 -11.08 -24.25 20.84
N GLY A 543 -10.00 -23.86 20.17
CA GLY A 543 -8.97 -24.80 19.77
C GLY A 543 -9.13 -25.35 18.36
N GLU A 544 -9.93 -24.68 17.54
CA GLU A 544 -10.22 -25.17 16.20
C GLU A 544 -9.08 -24.93 15.22
N ASP A 545 -9.03 -25.74 14.17
CA ASP A 545 -8.14 -25.48 13.03
C ASP A 545 -8.68 -24.27 12.29
N MET A 546 -7.98 -23.15 12.42
CA MET A 546 -8.52 -21.87 11.96
C MET A 546 -8.53 -21.70 10.45
N LYS A 547 -7.63 -22.38 9.75
CA LYS A 547 -7.66 -22.36 8.30
C LYS A 547 -8.89 -23.11 7.80
N LYS A 548 -9.11 -24.29 8.39
CA LYS A 548 -10.27 -25.10 8.08
C LYS A 548 -11.56 -24.37 8.47
N TRP A 549 -11.53 -23.70 9.61
CA TRP A 549 -12.68 -22.94 10.08
C TRP A 549 -13.01 -21.79 9.15
N CYS A 550 -11.98 -21.08 8.71
CA CYS A 550 -12.14 -19.95 7.80
C CYS A 550 -12.68 -20.40 6.45
N HIS A 551 -12.12 -21.47 5.91
CA HIS A 551 -12.66 -22.07 4.68
C HIS A 551 -14.14 -22.40 4.87
N GLU A 552 -14.41 -23.14 5.94
CA GLU A 552 -15.75 -23.62 6.28
C GLU A 552 -16.77 -22.49 6.43
N HIS A 553 -16.29 -21.32 6.85
CA HIS A 553 -17.18 -20.18 7.09
C HIS A 553 -17.04 -19.10 6.02
N PHE A 554 -16.28 -19.41 4.98
CA PHE A 554 -16.04 -18.49 3.87
C PHE A 554 -15.46 -17.17 4.34
N LEU A 555 -14.35 -17.25 5.07
CA LEU A 555 -13.62 -16.08 5.52
C LEU A 555 -12.14 -16.25 5.20
N SER A 556 -11.44 -15.13 4.99
CA SER A 556 -10.03 -15.17 4.64
C SER A 556 -9.15 -15.31 5.88
N TYR A 557 -8.53 -16.46 6.05
CA TYR A 557 -7.63 -16.69 7.18
C TYR A 557 -6.45 -15.72 7.13
N ARG A 558 -5.97 -15.43 5.93
CA ARG A 558 -4.88 -14.48 5.73
C ARG A 558 -5.24 -13.12 6.29
N HIS A 559 -6.35 -12.56 5.82
CA HIS A 559 -6.76 -11.21 6.19
C HIS A 559 -7.14 -11.11 7.67
N LEU A 560 -7.71 -12.18 8.20
CA LEU A 560 -8.10 -12.20 9.61
C LEU A 560 -6.88 -12.28 10.54
N SER A 561 -5.96 -13.20 10.24
CA SER A 561 -4.74 -13.32 11.02
C SER A 561 -3.92 -12.02 10.93
N SER A 562 -3.90 -11.44 9.74
CA SER A 562 -3.26 -10.14 9.52
C SER A 562 -3.88 -9.08 10.42
N ALA A 563 -5.21 -9.04 10.42
CA ALA A 563 -5.96 -8.11 11.27
C ALA A 563 -5.62 -8.31 12.74
N ASP A 564 -5.40 -9.56 13.14
CA ASP A 564 -5.06 -9.84 14.54
C ASP A 564 -3.66 -9.35 14.87
N ASN A 565 -2.74 -9.49 13.90
CA ASN A 565 -1.39 -8.96 14.05
C ASN A 565 -1.42 -7.43 14.28
N VAL A 566 -2.07 -6.75 13.35
CA VAL A 566 -2.27 -5.31 13.44
C VAL A 566 -2.88 -4.93 14.79
N ARG A 567 -3.90 -5.67 15.20
CA ARG A 567 -4.58 -5.41 16.46
C ARG A 567 -3.63 -5.50 17.64
N ALA A 568 -2.80 -6.54 17.64
CA ALA A 568 -1.81 -6.72 18.71
C ALA A 568 -0.90 -5.50 18.80
N GLN A 569 -0.31 -5.12 17.67
CA GLN A 569 0.62 -4.00 17.66
C GLN A 569 -0.02 -2.68 18.09
N LEU A 570 -1.19 -2.37 17.53
CA LEU A 570 -1.93 -1.18 17.93
C LEU A 570 -2.24 -1.19 19.42
N LYS A 571 -2.57 -2.37 19.93
CA LYS A 571 -2.89 -2.53 21.34
C LYS A 571 -1.69 -2.17 22.22
N LYS A 572 -0.51 -2.67 21.88
CA LYS A 572 0.63 -2.37 22.73
C LYS A 572 1.09 -0.91 22.57
N ILE A 573 0.82 -0.31 21.40
CA ILE A 573 1.03 1.13 21.28
C ILE A 573 0.10 1.87 22.24
N MET A 574 -1.15 1.43 22.30
CA MET A 574 -2.13 2.02 23.22
C MET A 574 -1.69 1.90 24.67
N GLU A 575 -1.19 0.72 25.04
CA GLU A 575 -0.73 0.48 26.39
C GLU A 575 0.50 1.32 26.74
N THR A 576 1.37 1.52 25.76
CA THR A 576 2.57 2.33 25.96
C THR A 576 2.20 3.76 26.38
N HIS A 577 1.21 4.33 25.70
CA HIS A 577 0.83 5.72 25.91
C HIS A 577 -0.38 5.88 26.83
N GLY A 578 -0.58 4.89 27.71
CA GLY A 578 -1.57 5.00 28.76
C GLY A 578 -3.03 5.07 28.34
N ILE A 579 -3.31 4.76 27.08
CA ILE A 579 -4.69 4.75 26.61
C ILE A 579 -5.43 3.52 27.17
N GLU A 580 -6.55 3.77 27.84
CA GLU A 580 -7.30 2.72 28.51
C GLU A 580 -7.91 1.70 27.55
N LEU A 581 -7.90 0.44 27.94
CA LEU A 581 -8.62 -0.60 27.21
C LEU A 581 -9.81 -1.08 28.03
N VAL A 582 -11.00 -0.65 27.63
CA VAL A 582 -12.22 -0.93 28.37
C VAL A 582 -13.29 -1.53 27.45
N SER A 583 -14.15 -2.37 28.02
CA SER A 583 -15.25 -2.95 27.27
C SER A 583 -16.54 -2.94 28.08
N THR A 584 -17.63 -2.54 27.44
CA THR A 584 -18.95 -2.59 28.05
C THR A 584 -19.42 -4.05 28.10
N PRO A 585 -19.94 -4.48 29.26
CA PRO A 585 -20.56 -5.81 29.36
C PRO A 585 -21.60 -6.02 28.27
N PHE A 586 -21.56 -7.17 27.61
CA PHE A 586 -22.43 -7.41 26.46
C PHE A 586 -23.90 -7.40 26.83
N HIS A 587 -24.21 -7.64 28.11
CA HIS A 587 -25.59 -7.65 28.57
C HIS A 587 -26.19 -6.25 28.55
N ASP A 588 -25.33 -5.24 28.61
CA ASP A 588 -25.79 -3.85 28.62
C ASP A 588 -26.45 -3.49 27.29
N LYS A 589 -27.50 -2.70 27.35
CA LYS A 589 -28.27 -2.32 26.16
C LYS A 589 -27.53 -1.31 25.30
N ASN A 590 -26.50 -0.69 25.86
CA ASN A 590 -25.75 0.32 25.15
C ASN A 590 -24.50 -0.21 24.46
N TYR A 591 -24.34 -1.53 24.46
CA TYR A 591 -23.14 -2.17 23.92
C TYR A 591 -22.85 -1.74 22.48
N TYR A 592 -23.85 -1.84 21.63
CA TYR A 592 -23.66 -1.55 20.21
C TYR A 592 -23.75 -0.07 19.90
N THR A 593 -24.65 0.62 20.59
CA THR A 593 -24.80 2.07 20.40
C THR A 593 -23.50 2.78 20.77
N ASN A 594 -22.82 2.29 21.80
CA ASN A 594 -21.53 2.86 22.19
C ASN A 594 -20.49 2.78 21.08
N ILE A 595 -20.51 1.67 20.34
CA ILE A 595 -19.57 1.45 19.26
C ILE A 595 -19.91 2.32 18.04
N ARG A 596 -21.19 2.30 17.67
CA ARG A 596 -21.69 3.11 16.56
C ARG A 596 -21.42 4.59 16.80
N ARG A 597 -21.58 5.02 18.06
CA ARG A 597 -21.29 6.38 18.45
C ARG A 597 -19.79 6.63 18.46
N ALA A 598 -19.03 5.61 18.84
CA ALA A 598 -17.57 5.73 18.88
C ALA A 598 -17.01 5.98 17.48
N LEU A 599 -17.67 5.42 16.47
CA LEU A 599 -17.26 5.65 15.08
C LEU A 599 -17.27 7.12 14.69
N LEU A 600 -18.19 7.89 15.27
CA LEU A 600 -18.37 9.30 14.92
C LEU A 600 -17.25 10.18 15.43
N ALA A 601 -16.46 9.67 16.37
CA ALA A 601 -15.32 10.41 16.89
C ALA A 601 -14.30 10.66 15.78
N GLY A 602 -14.21 9.72 14.85
CA GLY A 602 -13.25 9.82 13.76
C GLY A 602 -13.85 9.99 12.39
N PHE A 603 -15.12 9.60 12.21
CA PHE A 603 -15.72 9.65 10.88
C PHE A 603 -16.97 10.53 10.80
N PHE A 604 -16.96 11.64 11.52
CA PHE A 604 -18.10 12.55 11.56
C PHE A 604 -18.27 13.36 10.27
N MET A 605 -17.25 13.35 9.42
CA MET A 605 -17.31 14.10 8.17
C MET A 605 -17.80 13.24 7.02
N GLN A 606 -17.74 11.92 7.20
CA GLN A 606 -18.23 10.98 6.20
C GLN A 606 -19.62 10.47 6.60
N VAL A 607 -20.58 11.38 6.60
CA VAL A 607 -21.96 11.05 6.93
C VAL A 607 -22.86 11.42 5.75
N ALA A 608 -23.88 10.59 5.49
CA ALA A 608 -24.83 10.87 4.42
C ALA A 608 -26.27 10.70 4.90
N MET A 609 -27.18 11.48 4.30
CA MET A 609 -28.60 11.43 4.65
C MET A 609 -29.45 11.01 3.46
N ARG A 610 -30.39 10.10 3.69
CA ARG A 610 -31.29 9.67 2.63
C ARG A 610 -32.25 10.81 2.25
N GLU A 611 -32.27 11.13 0.96
CA GLU A 611 -33.00 12.29 0.46
C GLU A 611 -34.53 12.14 0.60
N SER A 612 -35.06 10.99 0.19
CA SER A 612 -36.49 10.74 0.28
C SER A 612 -36.76 9.25 0.45
N SER A 613 -38.01 8.92 0.75
CA SER A 613 -38.40 7.53 0.93
C SER A 613 -38.69 6.90 -0.45
N ASN A 614 -38.80 7.75 -1.47
CA ASN A 614 -39.08 7.28 -2.81
C ASN A 614 -37.81 6.99 -3.61
N SER A 615 -36.68 6.88 -2.90
CA SER A 615 -35.40 6.68 -3.55
C SER A 615 -34.35 6.12 -2.59
N LYS A 616 -33.35 5.43 -3.15
CA LYS A 616 -32.25 4.89 -2.35
C LYS A 616 -31.02 5.78 -2.42
N VAL A 617 -31.21 7.04 -2.78
CA VAL A 617 -30.10 7.97 -2.95
C VAL A 617 -29.79 8.73 -1.67
N TYR A 618 -28.51 8.74 -1.29
CA TYR A 618 -28.03 9.46 -0.12
C TYR A 618 -27.23 10.70 -0.53
N LYS A 619 -27.15 11.67 0.38
CA LYS A 619 -26.44 12.91 0.13
C LYS A 619 -25.45 13.21 1.24
N THR A 620 -24.19 13.42 0.87
CA THR A 620 -23.12 13.64 1.85
C THR A 620 -23.20 15.03 2.47
N VAL A 621 -22.74 15.15 3.71
CA VAL A 621 -22.82 16.42 4.43
C VAL A 621 -21.75 17.41 3.96
N LYS A 622 -22.18 18.65 3.76
CA LYS A 622 -21.30 19.77 3.37
C LYS A 622 -20.60 19.60 2.02
N ASP A 623 -20.88 18.51 1.31
CA ASP A 623 -20.29 18.29 0.00
C ASP A 623 -21.37 18.21 -1.08
N GLU A 624 -22.58 17.85 -0.66
CA GLU A 624 -23.71 17.71 -1.57
C GLU A 624 -23.40 16.74 -2.70
N GLN A 625 -22.79 15.62 -2.36
CA GLN A 625 -22.49 14.57 -3.32
C GLN A 625 -23.58 13.49 -3.31
N LEU A 626 -24.09 13.16 -4.49
CA LEU A 626 -25.10 12.11 -4.62
C LEU A 626 -24.43 10.73 -4.63
N VAL A 627 -24.82 9.88 -3.69
CA VAL A 627 -24.23 8.55 -3.59
C VAL A 627 -25.27 7.46 -3.37
N LEU A 628 -24.88 6.23 -3.65
CA LEU A 628 -25.70 5.06 -3.33
C LEU A 628 -24.93 4.17 -2.35
N ILE A 629 -25.65 3.43 -1.52
CA ILE A 629 -24.99 2.45 -0.67
C ILE A 629 -24.48 1.31 -1.54
N HIS A 630 -23.21 0.97 -1.40
CA HIS A 630 -22.60 -0.07 -2.21
C HIS A 630 -23.34 -1.40 -2.03
N PRO A 631 -23.60 -2.10 -3.15
CA PRO A 631 -24.41 -3.33 -3.14
C PRO A 631 -23.80 -4.47 -2.29
N SER A 632 -22.53 -4.35 -1.93
CA SER A 632 -21.88 -5.37 -1.11
C SER A 632 -22.08 -5.10 0.38
N THR A 633 -23.34 -4.81 0.80
CA THR A 633 -23.65 -4.42 2.17
C THR A 633 -24.37 -5.53 2.92
N THR A 634 -24.06 -5.66 4.16
CA THR A 634 -24.76 -6.61 5.01
C THR A 634 -25.97 -5.95 5.66
N VAL A 635 -26.17 -4.68 5.35
CA VAL A 635 -27.31 -3.93 5.87
C VAL A 635 -28.50 -4.05 4.92
N THR A 636 -29.59 -4.63 5.42
CA THR A 636 -30.78 -4.81 4.60
C THR A 636 -31.72 -3.62 4.74
N THR A 637 -31.61 -2.91 5.86
CA THR A 637 -32.44 -1.74 6.13
C THR A 637 -31.60 -0.51 6.47
N PRO A 638 -31.09 0.18 5.45
CA PRO A 638 -30.31 1.41 5.67
C PRO A 638 -31.16 2.53 6.28
N TYR A 639 -30.65 3.14 7.34
CA TYR A 639 -31.35 4.22 8.05
C TYR A 639 -31.25 5.52 7.28
N GLU A 640 -31.98 6.54 7.72
CA GLU A 640 -31.96 7.85 7.08
C GLU A 640 -30.58 8.48 7.15
N TRP A 641 -29.84 8.19 8.22
CA TRP A 641 -28.50 8.72 8.40
C TRP A 641 -27.48 7.59 8.50
N VAL A 642 -26.39 7.69 7.75
CA VAL A 642 -25.34 6.68 7.82
C VAL A 642 -23.95 7.28 7.89
N VAL A 643 -23.06 6.63 8.63
CA VAL A 643 -21.65 6.96 8.57
C VAL A 643 -20.96 5.94 7.66
N TYR A 644 -20.26 6.44 6.65
CA TYR A 644 -19.59 5.54 5.71
C TYR A 644 -18.09 5.61 5.90
N ASN A 645 -17.42 4.54 5.50
CA ASN A 645 -15.97 4.44 5.66
C ASN A 645 -15.22 4.72 4.37
N GLU A 646 -15.74 4.19 3.26
CA GLU A 646 -15.06 4.26 1.99
C GLU A 646 -15.90 5.00 0.95
N PHE A 647 -15.25 5.51 -0.10
CA PHE A 647 -15.93 6.24 -1.16
C PHE A 647 -15.47 5.73 -2.51
N VAL A 648 -16.12 4.69 -3.02
CA VAL A 648 -15.67 4.06 -4.26
C VAL A 648 -16.42 4.55 -5.48
N LEU A 649 -15.73 4.58 -6.62
CA LEU A 649 -16.34 5.00 -7.87
C LEU A 649 -16.17 3.93 -8.95
N THR A 650 -17.29 3.45 -9.47
CA THR A 650 -17.28 2.49 -10.56
C THR A 650 -17.94 3.10 -11.78
N THR A 651 -19.25 2.85 -11.90
CA THR A 651 -20.07 3.52 -12.90
C THR A 651 -20.97 4.52 -12.19
N LYS A 652 -21.09 4.33 -10.88
CA LYS A 652 -21.88 5.21 -10.03
C LYS A 652 -21.11 5.47 -8.74
N GLN A 653 -21.41 6.58 -8.07
CA GLN A 653 -20.72 6.94 -6.84
C GLN A 653 -21.28 6.18 -5.64
N TYR A 654 -20.44 5.31 -5.06
CA TYR A 654 -20.84 4.52 -3.90
C TYR A 654 -20.10 4.92 -2.63
N VAL A 655 -20.76 4.73 -1.51
CA VAL A 655 -20.10 4.74 -0.21
C VAL A 655 -20.08 3.30 0.29
N ARG A 656 -18.99 2.91 0.95
CA ARG A 656 -18.84 1.52 1.37
C ARG A 656 -18.56 1.39 2.87
N THR A 657 -19.01 0.28 3.45
CA THR A 657 -18.88 -0.02 4.87
C THR A 657 -19.63 1.02 5.70
N VAL A 658 -20.94 1.08 5.50
CA VAL A 658 -21.77 2.06 6.18
C VAL A 658 -22.43 1.50 7.45
N THR A 659 -22.70 2.38 8.40
CA THR A 659 -23.38 2.01 9.63
C THR A 659 -24.44 3.05 9.96
N ASN A 660 -25.64 2.58 10.31
CA ASN A 660 -26.72 3.47 10.69
C ASN A 660 -26.38 4.27 11.95
N ILE A 661 -26.63 5.58 11.91
CA ILE A 661 -26.43 6.42 13.07
C ILE A 661 -27.66 7.29 13.34
N ARG A 662 -27.74 7.81 14.55
CA ARG A 662 -28.78 8.77 14.90
C ARG A 662 -28.22 10.19 14.78
N PRO A 663 -28.95 11.08 14.10
CA PRO A 663 -28.53 12.46 13.84
C PRO A 663 -28.15 13.24 15.09
N GLU A 664 -28.78 12.92 16.22
CA GLU A 664 -28.47 13.59 17.48
C GLU A 664 -27.00 13.41 17.85
N TRP A 665 -26.47 12.23 17.56
CA TRP A 665 -25.08 11.91 17.85
C TRP A 665 -24.13 12.82 17.10
N LEU A 666 -24.53 13.27 15.92
CA LEU A 666 -23.71 14.17 15.12
C LEU A 666 -23.54 15.51 15.85
N LEU A 667 -24.64 16.02 16.39
CA LEU A 667 -24.62 17.28 17.11
C LEU A 667 -23.91 17.16 18.45
N GLU A 668 -24.05 15.99 19.08
CA GLU A 668 -23.43 15.76 20.38
C GLU A 668 -21.91 15.59 20.28
N ILE A 669 -21.50 14.59 19.51
CA ILE A 669 -20.08 14.23 19.40
C ILE A 669 -19.32 15.24 18.55
N ALA A 670 -20.00 15.83 17.58
CA ALA A 670 -19.33 16.75 16.67
C ALA A 670 -19.99 18.13 16.59
N PRO A 671 -19.92 18.91 17.69
CA PRO A 671 -20.57 20.22 17.76
C PRO A 671 -19.99 21.27 16.80
N VAL A 672 -18.68 21.30 16.64
CA VAL A 672 -18.02 22.32 15.83
C VAL A 672 -18.26 22.12 14.34
N TYR A 673 -18.01 20.91 13.87
CA TYR A 673 -18.21 20.58 12.45
C TYR A 673 -19.68 20.65 12.07
N TYR A 674 -20.53 20.20 12.97
CA TYR A 674 -21.97 20.28 12.75
C TYR A 674 -22.52 21.54 13.42
N ASP A 675 -21.75 22.61 13.37
CA ASP A 675 -22.25 23.92 13.72
C ASP A 675 -23.20 24.35 12.61
N LEU A 676 -24.49 24.32 12.91
CA LEU A 676 -25.53 24.46 11.89
C LEU A 676 -25.48 25.78 11.13
N SER A 677 -24.91 26.80 11.75
CA SER A 677 -24.84 28.12 11.12
C SER A 677 -23.78 28.17 10.02
N THR A 678 -22.98 27.11 9.91
CA THR A 678 -21.94 27.03 8.88
C THR A 678 -22.36 26.12 7.73
N PHE A 679 -23.63 25.72 7.72
CA PHE A 679 -24.17 24.89 6.64
C PHE A 679 -24.81 25.77 5.58
N GLN A 680 -24.77 25.32 4.33
CA GLN A 680 -25.49 26.01 3.27
C GLN A 680 -26.98 25.65 3.33
N LYS A 681 -27.80 26.44 2.64
CA LYS A 681 -29.23 26.17 2.61
C LYS A 681 -29.51 24.86 1.88
N GLY A 682 -30.28 23.98 2.51
CA GLY A 682 -30.59 22.70 1.92
C GLY A 682 -31.31 21.75 2.87
N GLU A 683 -31.54 20.53 2.40
CA GLU A 683 -32.30 19.54 3.16
C GLU A 683 -31.57 19.06 4.41
N ILE A 684 -30.25 18.90 4.32
CA ILE A 684 -29.46 18.42 5.44
C ILE A 684 -29.52 19.40 6.61
N LYS A 685 -29.31 20.67 6.31
CA LYS A 685 -29.39 21.74 7.31
C LYS A 685 -30.75 21.77 7.98
N ASN A 686 -31.80 21.62 7.19
CA ASN A 686 -33.17 21.64 7.70
C ASN A 686 -33.43 20.47 8.66
N ALA A 687 -33.02 19.28 8.22
CA ALA A 687 -33.19 18.08 9.04
C ALA A 687 -32.46 18.22 10.38
N LEU A 688 -31.19 18.58 10.31
CA LEU A 688 -30.38 18.74 11.52
C LEU A 688 -30.92 19.85 12.41
N THR A 689 -31.51 20.87 11.80
CA THR A 689 -32.15 21.94 12.55
C THR A 689 -33.31 21.41 13.35
N ARG A 690 -34.15 20.60 12.69
CA ARG A 690 -35.30 20.00 13.33
C ARG A 690 -34.88 19.10 14.49
N VAL A 691 -33.86 18.27 14.29
CA VAL A 691 -33.44 17.39 15.38
C VAL A 691 -32.81 18.19 16.52
N ALA A 692 -32.15 19.30 16.21
CA ALA A 692 -31.61 20.18 17.25
C ALA A 692 -32.71 20.77 18.12
N GLU A 693 -33.70 21.38 17.48
CA GLU A 693 -34.83 21.94 18.20
C GLU A 693 -35.53 20.85 19.02
N LYS A 694 -35.57 19.64 18.46
CA LYS A 694 -36.09 18.51 19.19
C LYS A 694 -35.26 18.23 20.46
N ILE A 695 -33.94 18.34 20.34
CA ILE A 695 -33.06 18.15 21.48
C ILE A 695 -33.38 19.16 22.57
N ARG A 696 -33.69 20.41 22.18
CA ARG A 696 -33.99 21.42 23.20
C ARG A 696 -35.28 21.12 23.97
N ARG A 697 -36.30 20.64 23.26
CA ARG A 697 -37.53 20.17 23.90
C ARG A 697 -37.25 19.08 24.92
N GLN A 698 -36.30 18.22 24.58
CA GLN A 698 -35.92 17.10 25.42
C GLN A 698 -35.42 17.57 26.78
N GLN A 699 -34.67 18.67 26.79
CA GLN A 699 -34.15 19.23 28.04
C GLN A 699 -35.27 19.87 28.85
N ALA A 700 -36.34 19.11 29.09
CA ALA A 700 -37.53 19.59 29.78
C ALA A 700 -37.21 19.99 31.22
N MET A 701 -36.25 19.30 31.82
CA MET A 701 -35.87 19.55 33.21
C MET A 701 -35.36 20.96 33.54
N LYS A 702 -35.88 21.47 34.65
CA LYS A 702 -35.53 22.77 35.21
C LYS A 702 -35.05 22.55 36.64
N ALA A 703 -34.55 21.34 36.88
CA ALA A 703 -34.08 20.88 38.20
C ALA A 703 -32.91 21.62 38.85
N SER A 704 -31.96 22.09 38.06
CA SER A 704 -30.78 22.74 38.62
C SER A 704 -31.02 23.98 39.49
N LYS A 705 -31.96 24.83 39.11
CA LYS A 705 -32.22 26.01 39.91
C LYS A 705 -31.97 25.73 41.41
N ALA A 706 -31.02 26.47 41.96
CA ALA A 706 -30.65 26.35 43.37
C ALA A 706 -30.60 27.73 44.00
N TRP A 707 -30.62 27.78 45.32
CA TRP A 707 -30.59 29.04 46.05
C TRP A 707 -30.91 28.85 47.53
PB ADP B . 16.79 -3.25 -10.09
O1B ADP B . 16.50 -2.00 -9.30
O2B ADP B . 16.05 -3.36 -11.39
O3B ADP B . 18.26 -3.57 -10.20
PA ADP B . 16.97 -5.77 -8.73
O1A ADP B . 18.34 -5.43 -8.21
O2A ADP B . 16.04 -6.52 -7.81
O3A ADP B . 16.18 -4.45 -9.19
O5' ADP B . 17.14 -6.70 -10.03
C5' ADP B . 18.45 -7.09 -10.47
C4' ADP B . 18.46 -8.59 -10.75
O4' ADP B . 18.25 -9.32 -9.53
C3' ADP B . 17.36 -9.00 -11.70
O3' ADP B . 17.92 -9.34 -12.98
C2' ADP B . 16.70 -10.23 -11.09
O2' ADP B . 16.91 -11.35 -11.95
C1' ADP B . 17.43 -10.46 -9.77
N9 ADP B . 16.45 -10.65 -8.67
C8 ADP B . 15.72 -9.67 -8.11
N7 ADP B . 14.92 -10.16 -7.13
C5 ADP B . 15.13 -11.49 -7.06
C6 ADP B . 14.60 -12.60 -6.25
N6 ADP B . 13.67 -12.38 -5.29
N1 ADP B . 15.09 -13.85 -6.49
C2 ADP B . 16.01 -14.06 -7.44
N3 ADP B . 16.53 -13.10 -8.22
C4 ADP B . 16.13 -11.81 -8.08
MG MG C . 14.92 -2.24 -7.97
S DMS D . -31.11 2.87 15.36
O DMS D . -31.03 2.88 16.85
C1 DMS D . -32.35 1.68 14.81
C2 DMS D . -31.89 4.41 14.80
S DMS E . -28.77 -1.37 -0.50
O DMS E . -29.73 -2.24 0.27
C1 DMS E . -29.07 -1.58 -2.28
C2 DMS E . -29.26 0.37 -0.30
S DMS F . -12.89 11.42 7.49
O DMS F . -12.69 12.00 8.85
C1 DMS F . -13.31 12.74 6.32
C2 DMS F . -11.30 10.91 6.79
S DMS G . -25.71 7.66 -8.28
O DMS G . -24.25 7.99 -8.16
C1 DMS G . -26.69 9.10 -7.77
C2 DMS G . -26.17 7.56 -10.02
S DMS H . -12.57 -2.90 4.16
O DMS H . -11.19 -3.37 4.42
C1 DMS H . -13.68 -3.54 5.44
C2 DMS H . -12.68 -1.12 4.51
S DMS I . -7.14 -17.16 2.82
O DMS I . -5.93 -17.99 2.53
C1 DMS I . -7.55 -16.17 1.36
C2 DMS I . -8.61 -18.23 2.90
S DMS J . -18.73 -4.80 3.44
O DMS J . -19.06 -3.58 2.62
C1 DMS J . -18.34 -6.16 2.33
C2 DMS J . -17.12 -4.57 4.24
S DMS K . -7.16 1.94 -22.82
O DMS K . -8.11 1.19 -23.70
C1 DMS K . -8.10 3.08 -21.77
C2 DMS K . -6.50 0.81 -21.56
S DMS L . -15.70 17.87 16.34
O DMS L . -14.25 17.75 16.09
C1 DMS L . -15.96 18.68 17.82
C2 DMS L . -16.37 19.00 15.27
#